data_4Y7I
#
_entry.id   4Y7I
#
_cell.length_a   69.573
_cell.length_b   77.188
_cell.length_c   197.793
_cell.angle_alpha   90.00
_cell.angle_beta   90.00
_cell.angle_gamma   90.00
#
_symmetry.space_group_name_H-M   'P 21 21 21'
#
loop_
_entity.id
_entity.type
_entity.pdbx_description
1 polymer 'Myotubularin-related protein 8'
2 non-polymer 'PHOSPHATE ION'
3 water water
#
_entity_poly.entity_id   1
_entity_poly.type   'polypeptide(L)'
_entity_poly.pdbx_seq_one_letter_code
;MRESGWKLIDPISDFGRMGIPNRNWTITDANRNYEICSTYPPEIVVPKSVTLGTVVGSSKFRSKERVPVLSYLYKENNAA
ICRCSQPLSGFYTRCVDDELLLEAISQTNPGSQFMYVVDTRPKLNAMANRAAGKGYENEDNYANIRFRFMGIENIHVMRS
SLQKLLEVCELKTPTMSEFLSGLESSGWLRHIKAIMDAGIFITKAVKVEKASVLVHSSDGWDRTAQVCSVASILLDPFYR
TFKGLMILIEKEWISMGHKFSQRCGHLDGDSKEVSPIFTQFLDCIWQLMEQFPCAFEFNENFLLEIHDHVFSCQFGNFLG
NCQKDREDLRVYEKTHSVWPFLVQRKPDFRNPLYKGFTMYGVLNPSTVPYNIQFWCGMYNRFDKLEHHHHHH
;
_entity_poly.pdbx_strand_id   A,B
#
loop_
_chem_comp.id
_chem_comp.type
_chem_comp.name
_chem_comp.formula
PO4 non-polymer 'PHOSPHATE ION' 'O4 P -3'
#
# COMPACT_ATOMS: atom_id res chain seq x y z
N SER A 4 32.19 -5.82 -22.73
CA SER A 4 32.42 -4.64 -21.89
C SER A 4 31.13 -4.19 -21.19
N GLY A 5 30.00 -4.45 -21.84
CA GLY A 5 28.72 -4.36 -21.15
C GLY A 5 28.77 -5.22 -19.90
N TRP A 6 29.39 -6.40 -20.05
CA TRP A 6 29.57 -7.34 -18.95
C TRP A 6 30.55 -6.96 -17.86
N LYS A 7 31.37 -5.94 -18.07
CA LYS A 7 32.32 -5.55 -17.04
C LYS A 7 31.72 -4.50 -16.11
N LEU A 8 30.50 -4.08 -16.41
CA LEU A 8 29.84 -3.05 -15.62
C LEU A 8 29.58 -3.49 -14.19
N ILE A 9 29.02 -4.69 -14.02
CA ILE A 9 28.76 -5.23 -12.69
C ILE A 9 29.56 -6.52 -12.49
N ASP A 10 30.60 -6.44 -11.67
CA ASP A 10 31.42 -7.59 -11.29
C ASP A 10 31.23 -7.85 -9.80
N PRO A 11 30.60 -8.98 -9.47
CA PRO A 11 30.22 -9.30 -8.09
C PRO A 11 31.41 -9.26 -7.15
N ILE A 12 32.59 -9.61 -7.66
CA ILE A 12 33.74 -9.80 -6.80
C ILE A 12 34.36 -8.48 -6.36
N SER A 13 34.04 -7.41 -7.08
CA SER A 13 34.47 -6.07 -6.69
C SER A 13 33.87 -5.67 -5.37
N ASP A 14 32.71 -6.23 -5.08
CA ASP A 14 31.97 -5.95 -3.84
C ASP A 14 32.78 -6.45 -2.65
N PHE A 15 33.54 -7.53 -2.83
CA PHE A 15 34.44 -8.00 -1.78
C PHE A 15 35.53 -6.97 -1.56
N GLY A 16 36.00 -6.38 -2.66
CA GLY A 16 36.89 -5.24 -2.56
C GLY A 16 36.30 -4.14 -1.70
N ARG A 17 35.01 -3.90 -1.86
CA ARG A 17 34.34 -2.82 -1.16
C ARG A 17 34.28 -3.06 0.34
N MET A 18 34.39 -4.31 0.79
CA MET A 18 34.38 -4.57 2.23
C MET A 18 35.78 -4.87 2.78
N GLY A 19 36.81 -4.42 2.07
CA GLY A 19 38.18 -4.54 2.52
C GLY A 19 38.71 -5.95 2.53
N ILE A 20 38.42 -6.69 1.46
CA ILE A 20 38.88 -8.06 1.29
C ILE A 20 39.68 -8.15 -0.02
N PRO A 21 40.85 -8.81 0.01
CA PRO A 21 41.41 -9.63 1.11
C PRO A 21 41.95 -8.81 2.26
N ASN A 22 42.15 -9.47 3.40
CA ASN A 22 42.68 -8.82 4.58
C ASN A 22 43.22 -9.84 5.57
N ARG A 23 43.44 -9.41 6.81
CA ARG A 23 43.96 -10.25 7.88
C ARG A 23 43.12 -11.50 8.12
N ASN A 24 41.82 -11.40 7.81
CA ASN A 24 40.85 -12.41 8.19
C ASN A 24 40.30 -13.24 7.03
N TRP A 25 40.13 -12.62 5.87
CA TRP A 25 39.42 -13.25 4.76
C TRP A 25 40.19 -13.18 3.44
N THR A 26 40.26 -14.29 2.71
CA THR A 26 40.87 -14.26 1.36
C THR A 26 39.95 -14.80 0.29
N ILE A 27 40.20 -14.36 -0.94
CA ILE A 27 39.51 -14.87 -2.10
C ILE A 27 40.28 -16.02 -2.75
N THR A 28 39.84 -17.25 -2.57
CA THR A 28 40.39 -18.40 -3.33
C THR A 28 39.87 -18.48 -4.75
N ASP A 29 40.74 -18.86 -5.67
CA ASP A 29 40.30 -19.31 -6.96
C ASP A 29 40.28 -20.82 -6.98
N ALA A 30 40.34 -21.45 -5.82
CA ALA A 30 40.36 -22.91 -5.75
C ALA A 30 39.24 -23.57 -6.54
N ASN A 31 38.11 -22.86 -6.70
CA ASN A 31 36.99 -23.38 -7.48
C ASN A 31 37.00 -22.93 -8.96
N ARG A 32 38.18 -22.50 -9.43
CA ARG A 32 38.45 -22.03 -10.80
C ARG A 32 37.85 -22.95 -11.87
N ASN A 33 37.83 -24.24 -11.57
CA ASN A 33 37.28 -25.22 -12.52
C ASN A 33 36.11 -26.00 -11.94
N TYR A 34 35.46 -25.43 -10.93
CA TYR A 34 34.31 -26.01 -10.24
C TYR A 34 34.64 -27.37 -9.60
N GLU A 35 35.85 -27.47 -9.05
CA GLU A 35 36.32 -28.68 -8.40
C GLU A 35 35.86 -28.80 -6.95
N ILE A 36 35.55 -27.67 -6.32
CA ILE A 36 35.10 -27.73 -4.94
C ILE A 36 33.61 -27.94 -4.93
N CYS A 37 32.91 -27.15 -5.75
CA CYS A 37 31.47 -27.11 -5.77
C CYS A 37 30.96 -26.67 -7.14
N SER A 38 30.14 -27.50 -7.76
CA SER A 38 29.79 -27.34 -9.16
C SER A 38 28.77 -26.24 -9.39
N THR A 39 28.23 -25.69 -8.31
CA THR A 39 27.19 -24.67 -8.46
C THR A 39 27.59 -23.38 -7.75
N TYR A 40 28.86 -23.31 -7.33
CA TYR A 40 29.47 -22.08 -6.81
C TYR A 40 30.24 -21.40 -7.92
N PRO A 41 30.54 -20.11 -7.76
CA PRO A 41 31.35 -19.38 -8.73
C PRO A 41 32.80 -19.87 -8.74
N PRO A 42 33.55 -19.51 -9.79
CA PRO A 42 35.00 -19.74 -9.82
C PRO A 42 35.75 -19.16 -8.62
N GLU A 43 35.46 -17.92 -8.24
CA GLU A 43 36.06 -17.32 -7.04
C GLU A 43 35.09 -17.20 -5.87
N ILE A 44 35.58 -17.57 -4.70
CA ILE A 44 34.82 -17.69 -3.47
C ILE A 44 35.66 -17.06 -2.35
N VAL A 45 35.03 -16.63 -1.28
CA VAL A 45 35.79 -16.12 -0.13
C VAL A 45 35.68 -16.99 1.12
N VAL A 46 36.81 -17.44 1.63
CA VAL A 46 36.89 -18.19 2.88
C VAL A 46 37.89 -17.52 3.82
N PRO A 47 37.91 -17.93 5.11
CA PRO A 47 38.92 -17.35 6.01
C PRO A 47 40.35 -17.58 5.53
N LYS A 48 41.22 -16.65 5.87
CA LYS A 48 42.62 -16.76 5.50
C LYS A 48 43.27 -17.96 6.19
N SER A 49 42.80 -18.28 7.39
CA SER A 49 43.48 -19.24 8.25
C SER A 49 43.12 -20.68 7.97
N VAL A 50 42.53 -20.92 6.81
CA VAL A 50 42.03 -22.26 6.50
C VAL A 50 42.79 -22.83 5.31
N THR A 51 43.09 -24.12 5.36
CA THR A 51 43.71 -24.77 4.23
C THR A 51 42.67 -25.30 3.26
N LEU A 52 43.10 -25.44 2.02
CA LEU A 52 42.35 -26.10 0.97
C LEU A 52 41.76 -27.44 1.39
N GLY A 53 42.48 -28.20 2.21
CA GLY A 53 42.02 -29.53 2.57
C GLY A 53 40.86 -29.45 3.53
N THR A 54 40.83 -28.37 4.29
CA THR A 54 39.75 -28.13 5.23
C THR A 54 38.49 -27.63 4.48
N VAL A 55 38.68 -26.76 3.51
CA VAL A 55 37.59 -26.35 2.66
C VAL A 55 36.98 -27.54 1.92
N VAL A 56 37.80 -28.38 1.29
CA VAL A 56 37.24 -29.47 0.48
C VAL A 56 36.60 -30.53 1.37
N GLY A 57 37.06 -30.58 2.60
CA GLY A 57 36.62 -31.61 3.51
C GLY A 57 35.28 -31.20 4.07
N SER A 58 35.13 -29.89 4.28
CA SER A 58 33.84 -29.29 4.60
C SER A 58 32.90 -29.50 3.44
N SER A 59 33.38 -29.20 2.24
CA SER A 59 32.61 -29.36 1.02
C SER A 59 31.92 -30.71 0.98
N LYS A 60 32.64 -31.78 1.34
CA LYS A 60 32.11 -33.13 1.26
C LYS A 60 31.14 -33.48 2.40
N PHE A 61 30.98 -32.55 3.33
CA PHE A 61 30.06 -32.70 4.46
C PHE A 61 28.85 -31.75 4.32
N ARG A 62 28.88 -30.93 3.28
CA ARG A 62 27.76 -30.06 2.98
C ARG A 62 26.97 -30.59 1.80
N SER A 63 25.65 -30.40 1.82
CA SER A 63 24.80 -30.83 0.73
C SER A 63 25.24 -30.20 -0.58
N LYS A 64 25.35 -31.03 -1.61
CA LYS A 64 25.75 -30.58 -2.94
C LYS A 64 27.04 -29.76 -2.94
N GLU A 65 27.85 -29.92 -1.90
CA GLU A 65 29.21 -29.32 -1.76
C GLU A 65 29.21 -27.82 -1.52
N ARG A 66 28.05 -27.26 -1.21
CA ARG A 66 27.95 -25.82 -1.06
C ARG A 66 28.49 -25.41 0.31
N VAL A 67 29.83 -25.34 0.38
CA VAL A 67 30.60 -25.12 1.60
C VAL A 67 30.36 -23.71 2.19
N PRO A 68 30.49 -23.55 3.52
CA PRO A 68 30.41 -22.18 4.06
C PRO A 68 31.35 -21.22 3.34
N VAL A 69 30.87 -20.01 3.10
CA VAL A 69 31.59 -19.08 2.26
C VAL A 69 31.04 -17.72 2.62
N LEU A 70 31.81 -16.66 2.45
CA LEU A 70 31.39 -15.38 2.98
C LEU A 70 30.29 -14.79 2.11
N SER A 71 29.30 -14.18 2.73
CA SER A 71 28.33 -13.44 1.95
C SER A 71 28.55 -11.93 2.15
N TYR A 72 28.66 -11.51 3.41
CA TYR A 72 28.84 -10.09 3.72
C TYR A 72 29.63 -9.82 5.00
N LEU A 73 30.55 -8.87 4.90
CA LEU A 73 31.32 -8.46 6.05
C LEU A 73 30.99 -7.03 6.42
N TYR A 74 30.63 -6.82 7.68
CA TYR A 74 30.37 -5.47 8.19
C TYR A 74 31.65 -4.85 8.75
N LYS A 75 32.39 -4.13 7.89
CA LYS A 75 33.61 -3.38 8.24
C LYS A 75 33.68 -2.84 9.65
N GLU A 76 32.61 -2.16 10.06
CA GLU A 76 32.59 -1.38 11.30
C GLU A 76 32.90 -2.17 12.56
N ASN A 77 32.57 -3.46 12.57
CA ASN A 77 32.82 -4.29 13.76
C ASN A 77 33.32 -5.72 13.47
N ASN A 78 33.50 -6.03 12.18
CA ASN A 78 34.08 -7.29 11.71
C ASN A 78 33.16 -8.51 11.78
N ALA A 79 31.91 -8.30 12.17
CA ALA A 79 30.92 -9.34 12.09
C ALA A 79 30.63 -9.61 10.62
N ALA A 80 30.35 -10.87 10.30
CA ALA A 80 30.13 -11.24 8.92
C ALA A 80 29.00 -12.27 8.81
N ILE A 81 28.45 -12.38 7.60
CA ILE A 81 27.43 -13.35 7.30
C ILE A 81 27.96 -14.35 6.31
N CYS A 82 27.89 -15.63 6.66
CA CYS A 82 28.28 -16.66 5.73
C CYS A 82 27.09 -17.52 5.33
N ARG A 83 27.23 -18.25 4.23
CA ARG A 83 26.15 -19.07 3.69
C ARG A 83 26.64 -20.42 3.21
N CYS A 84 25.79 -21.43 3.35
CA CYS A 84 26.09 -22.78 2.88
C CYS A 84 24.83 -23.61 2.77
N SER A 85 24.97 -24.86 2.32
CA SER A 85 23.86 -25.79 2.42
C SER A 85 23.87 -26.47 3.80
N GLN A 86 22.86 -27.28 4.06
CA GLN A 86 22.73 -28.01 5.33
C GLN A 86 23.87 -29.02 5.45
N PRO A 87 24.19 -29.43 6.69
CA PRO A 87 25.26 -30.41 6.91
C PRO A 87 24.79 -31.83 6.64
N LEU A 88 25.72 -32.75 6.36
CA LEU A 88 25.32 -34.14 6.10
C LEU A 88 25.49 -35.01 7.35
N SER A 89 25.04 -34.52 8.49
CA SER A 89 25.38 -35.11 9.78
C SER A 89 24.50 -36.29 10.23
N GLY A 90 23.24 -36.33 9.79
CA GLY A 90 22.31 -37.35 10.25
C GLY A 90 22.14 -37.26 11.75
N PHE A 91 22.06 -38.42 12.41
CA PHE A 91 21.91 -38.48 13.87
C PHE A 91 23.25 -38.59 14.62
N TYR A 92 24.30 -39.00 13.91
CA TYR A 92 25.52 -39.44 14.56
C TYR A 92 26.79 -38.84 14.01
N THR A 93 26.80 -38.57 12.71
CA THR A 93 28.03 -38.21 12.01
C THR A 93 28.54 -36.82 12.35
N ARG A 94 29.85 -36.72 12.60
CA ARG A 94 30.51 -35.41 12.69
C ARG A 94 31.59 -35.31 11.63
N CYS A 95 32.11 -34.11 11.37
CA CYS A 95 33.21 -33.93 10.41
C CYS A 95 34.13 -32.86 10.91
N VAL A 96 35.41 -33.21 11.08
CA VAL A 96 36.36 -32.33 11.73
C VAL A 96 36.65 -31.12 10.88
N ASP A 97 36.86 -31.34 9.59
CA ASP A 97 37.19 -30.25 8.68
C ASP A 97 36.05 -29.24 8.69
N ASP A 98 34.82 -29.74 8.78
CA ASP A 98 33.66 -28.87 8.84
C ASP A 98 33.70 -28.06 10.12
N GLU A 99 33.78 -28.76 11.26
CA GLU A 99 33.81 -28.12 12.57
C GLU A 99 34.92 -27.09 12.67
N LEU A 100 36.02 -27.38 11.98
CA LEU A 100 37.17 -26.50 11.91
C LEU A 100 36.92 -25.25 11.07
N LEU A 101 36.20 -25.42 9.97
CA LEU A 101 35.86 -24.26 9.15
C LEU A 101 34.92 -23.27 9.88
N LEU A 102 33.94 -23.78 10.62
CA LEU A 102 33.06 -22.88 11.36
C LEU A 102 33.81 -22.26 12.52
N GLU A 103 34.71 -23.03 13.11
CA GLU A 103 35.59 -22.51 14.16
C GLU A 103 36.43 -21.38 13.61
N ALA A 104 36.90 -21.56 12.38
CA ALA A 104 37.72 -20.53 11.72
C ALA A 104 36.94 -19.28 11.31
N ILE A 105 35.68 -19.42 10.94
CA ILE A 105 34.84 -18.25 10.63
C ILE A 105 34.70 -17.36 11.86
N SER A 106 34.32 -17.96 12.99
CA SER A 106 34.10 -17.21 14.22
C SER A 106 35.35 -16.49 14.68
N GLN A 107 36.50 -17.12 14.47
CA GLN A 107 37.78 -16.51 14.84
C GLN A 107 38.13 -15.25 14.02
N THR A 108 37.46 -15.01 12.89
CA THR A 108 37.66 -13.76 12.16
C THR A 108 36.96 -12.60 12.86
N ASN A 109 36.18 -12.92 13.89
CA ASN A 109 35.54 -11.92 14.74
C ASN A 109 35.81 -12.27 16.19
N PRO A 110 37.04 -12.00 16.65
CA PRO A 110 37.49 -12.36 18.00
C PRO A 110 36.70 -11.63 19.09
N GLY A 111 36.17 -10.45 18.76
CA GLY A 111 35.33 -9.70 19.66
C GLY A 111 34.25 -10.56 20.28
N SER A 112 33.33 -11.03 19.44
CA SER A 112 32.20 -11.82 19.92
C SER A 112 32.64 -13.20 20.42
N GLN A 113 32.04 -13.62 21.53
CA GLN A 113 32.32 -14.90 22.16
C GLN A 113 31.58 -16.09 21.53
N PHE A 114 30.65 -15.82 20.63
CA PHE A 114 29.84 -16.89 20.01
C PHE A 114 29.42 -16.50 18.58
N MET A 115 29.06 -17.52 17.82
CA MET A 115 28.64 -17.31 16.45
C MET A 115 27.24 -17.88 16.28
N TYR A 116 26.37 -17.18 15.54
CA TYR A 116 25.04 -17.70 15.25
C TYR A 116 25.08 -18.66 14.08
N VAL A 117 24.44 -19.80 14.24
CA VAL A 117 24.12 -20.59 13.07
C VAL A 117 22.64 -20.50 12.87
N VAL A 118 22.23 -19.70 11.90
CA VAL A 118 20.83 -19.50 11.53
C VAL A 118 20.41 -20.52 10.48
N ASP A 119 19.42 -21.34 10.81
CA ASP A 119 18.84 -22.27 9.82
C ASP A 119 17.50 -21.70 9.35
N THR A 120 17.38 -21.43 8.06
CA THR A 120 16.22 -20.68 7.56
C THR A 120 14.91 -21.45 7.63
N ARG A 121 14.99 -22.74 7.92
CA ARG A 121 13.84 -23.63 7.82
C ARG A 121 13.03 -23.69 9.12
N PRO A 122 11.84 -24.26 9.03
CA PRO A 122 11.15 -24.66 10.26
C PRO A 122 11.87 -25.85 10.91
N LYS A 123 11.84 -25.92 12.23
CA LYS A 123 12.44 -27.02 12.97
C LYS A 123 11.97 -28.37 12.42
N LEU A 124 10.70 -28.46 12.07
CA LEU A 124 10.16 -29.74 11.68
C LEU A 124 10.84 -30.23 10.40
N ASN A 125 11.03 -29.32 9.45
CA ASN A 125 11.64 -29.67 8.18
C ASN A 125 13.10 -30.03 8.32
N ALA A 126 13.78 -29.34 9.25
CA ALA A 126 15.17 -29.59 9.51
C ALA A 126 15.31 -30.98 10.10
N MET A 127 14.34 -31.35 10.94
CA MET A 127 14.33 -32.67 11.54
C MET A 127 14.06 -33.70 10.47
N ALA A 128 13.19 -33.37 9.52
CA ALA A 128 12.87 -34.32 8.47
C ALA A 128 14.11 -34.61 7.65
N ASN A 129 14.83 -33.55 7.29
CA ASN A 129 16.06 -33.72 6.54
C ASN A 129 17.13 -34.47 7.32
N ARG A 130 17.12 -34.33 8.63
CA ARG A 130 18.08 -35.06 9.47
C ARG A 130 17.81 -36.56 9.39
N ALA A 131 16.54 -36.92 9.25
CA ALA A 131 16.17 -38.32 9.13
C ALA A 131 16.48 -38.91 7.76
N ALA A 132 16.77 -38.07 6.79
CA ALA A 132 17.15 -38.57 5.48
C ALA A 132 18.64 -38.38 5.29
N GLY A 133 19.36 -38.38 6.40
CA GLY A 133 20.81 -38.36 6.36
C GLY A 133 21.43 -37.00 6.20
N LYS A 134 20.66 -35.96 6.49
CA LYS A 134 21.17 -34.60 6.41
C LYS A 134 20.98 -33.93 7.74
N GLY A 135 20.38 -32.74 7.74
CA GLY A 135 19.93 -32.14 8.98
C GLY A 135 20.54 -30.81 9.34
N TYR A 136 21.04 -30.74 10.56
CA TYR A 136 21.57 -29.48 11.05
C TYR A 136 22.64 -29.70 12.13
N GLU A 137 23.42 -28.64 12.34
CA GLU A 137 24.51 -28.63 13.29
C GLU A 137 24.02 -28.80 14.72
N ASN A 138 24.83 -29.49 15.53
CA ASN A 138 24.58 -29.68 16.96
C ASN A 138 25.43 -28.76 17.80
N GLU A 139 24.83 -28.09 18.78
CA GLU A 139 25.58 -27.14 19.62
C GLU A 139 26.70 -27.81 20.42
N ASP A 140 26.62 -29.13 20.56
CA ASP A 140 27.63 -29.94 21.28
C ASP A 140 28.90 -30.16 20.49
N ASN A 141 28.76 -30.33 19.18
CA ASN A 141 29.87 -30.62 18.30
C ASN A 141 30.51 -29.39 17.67
N TYR A 142 29.86 -28.25 17.87
CA TYR A 142 30.28 -26.98 17.29
C TYR A 142 30.47 -26.00 18.42
N ALA A 143 31.73 -25.63 18.66
CA ALA A 143 32.06 -24.88 19.85
C ALA A 143 31.60 -23.46 19.73
N ASN A 144 30.99 -22.96 20.80
CA ASN A 144 30.42 -21.61 20.87
C ASN A 144 29.55 -21.20 19.69
N ILE A 145 28.61 -22.04 19.30
CA ILE A 145 27.60 -21.59 18.34
C ILE A 145 26.24 -21.46 19.02
N ARG A 146 25.38 -20.60 18.48
CA ARG A 146 24.01 -20.52 18.98
C ARG A 146 23.02 -20.81 17.86
N PHE A 147 22.41 -21.99 17.89
CA PHE A 147 21.57 -22.43 16.78
C PHE A 147 20.17 -21.83 16.87
N ARG A 148 19.69 -21.29 15.75
CA ARG A 148 18.36 -20.71 15.64
C ARG A 148 17.67 -21.17 14.36
N PHE A 149 16.37 -21.50 14.48
CA PHE A 149 15.52 -21.72 13.32
C PHE A 149 14.79 -20.46 12.93
N MET A 150 14.60 -20.24 11.63
CA MET A 150 13.90 -19.05 11.14
C MET A 150 12.45 -19.37 10.74
N GLY A 151 12.19 -20.62 10.39
CA GLY A 151 10.83 -21.07 10.13
C GLY A 151 10.20 -20.74 8.79
N ILE A 152 11.02 -20.45 7.77
CA ILE A 152 10.51 -20.14 6.44
C ILE A 152 10.29 -21.42 5.66
N GLU A 153 9.15 -21.52 4.99
CA GLU A 153 8.74 -22.78 4.38
C GLU A 153 9.40 -23.01 3.06
N ASN A 154 9.22 -24.21 2.51
CA ASN A 154 10.04 -24.57 1.37
C ASN A 154 9.41 -24.06 0.07
N ILE A 155 10.01 -24.38 -1.06
CA ILE A 155 9.64 -23.77 -2.32
C ILE A 155 8.27 -24.24 -2.75
N HIS A 156 7.88 -25.44 -2.30
CA HIS A 156 6.60 -26.01 -2.69
C HIS A 156 5.44 -25.28 -2.02
N VAL A 157 5.63 -24.97 -0.74
CA VAL A 157 4.68 -24.18 0.00
C VAL A 157 4.60 -22.80 -0.62
N MET A 158 5.72 -22.27 -1.12
CA MET A 158 5.70 -20.94 -1.73
C MET A 158 4.98 -20.93 -3.07
N ARG A 159 5.16 -21.98 -3.86
CA ARG A 159 4.51 -22.05 -5.15
C ARG A 159 3.01 -22.13 -4.94
N SER A 160 2.63 -22.91 -3.92
CA SER A 160 1.23 -23.05 -3.52
C SER A 160 0.63 -21.72 -3.14
N SER A 161 1.29 -21.07 -2.19
CA SER A 161 0.84 -19.82 -1.64
C SER A 161 0.60 -18.78 -2.71
N LEU A 162 1.50 -18.67 -3.68
CA LEU A 162 1.30 -17.72 -4.75
C LEU A 162 0.12 -18.15 -5.62
N GLN A 163 0.06 -19.43 -5.97
CA GLN A 163 -1.03 -19.94 -6.80
C GLN A 163 -2.38 -19.64 -6.14
N LYS A 164 -2.41 -19.70 -4.82
CA LYS A 164 -3.64 -19.51 -4.08
C LYS A 164 -4.04 -18.05 -4.19
N LEU A 165 -3.08 -17.16 -4.05
CA LEU A 165 -3.35 -15.75 -4.02
C LEU A 165 -3.85 -15.25 -5.37
N LEU A 166 -3.30 -15.78 -6.46
CA LEU A 166 -3.68 -15.33 -7.79
C LEU A 166 -5.07 -15.85 -8.15
N GLU A 167 -5.37 -17.04 -7.67
CA GLU A 167 -6.66 -17.67 -7.90
C GLU A 167 -7.73 -16.77 -7.28
N VAL A 168 -7.46 -16.32 -6.06
CA VAL A 168 -8.35 -15.43 -5.33
C VAL A 168 -8.49 -14.11 -6.08
N CYS A 169 -7.36 -13.54 -6.49
CA CYS A 169 -7.37 -12.24 -7.15
C CYS A 169 -8.09 -12.21 -8.50
N GLU A 170 -8.34 -13.37 -9.07
CA GLU A 170 -8.95 -13.44 -10.38
C GLU A 170 -10.45 -13.75 -10.28
N LEU A 171 -10.93 -13.97 -9.07
CA LEU A 171 -12.36 -14.23 -8.81
C LEU A 171 -13.26 -13.19 -9.46
N LYS A 172 -14.32 -13.69 -10.07
CA LYS A 172 -15.42 -12.88 -10.55
C LYS A 172 -16.00 -12.06 -9.39
N THR A 173 -15.87 -10.73 -9.49
CA THR A 173 -16.50 -9.78 -8.55
C THR A 173 -16.70 -10.29 -7.13
N PRO A 174 -15.62 -10.33 -6.35
CA PRO A 174 -15.62 -10.83 -4.97
C PRO A 174 -15.86 -9.72 -3.96
N THR A 175 -16.35 -10.06 -2.78
CA THR A 175 -16.49 -9.08 -1.73
C THR A 175 -15.12 -8.87 -1.07
N MET A 176 -14.99 -7.88 -0.19
CA MET A 176 -13.77 -7.75 0.61
C MET A 176 -13.58 -8.98 1.47
N SER A 177 -14.64 -9.41 2.15
CA SER A 177 -14.51 -10.51 3.09
C SER A 177 -14.09 -11.78 2.38
N GLU A 178 -14.50 -11.93 1.13
CA GLU A 178 -14.09 -13.08 0.37
C GLU A 178 -12.60 -12.96 0.08
N PHE A 179 -12.20 -11.81 -0.41
CA PHE A 179 -10.81 -11.55 -0.72
C PHE A 179 -9.87 -11.67 0.49
N LEU A 180 -10.18 -10.97 1.58
CA LEU A 180 -9.33 -11.06 2.77
C LEU A 180 -9.27 -12.49 3.31
N SER A 181 -10.36 -13.22 3.17
CA SER A 181 -10.35 -14.60 3.60
C SER A 181 -9.35 -15.42 2.78
N GLY A 182 -9.25 -15.10 1.49
CA GLY A 182 -8.41 -15.86 0.58
C GLY A 182 -6.96 -15.50 0.71
N LEU A 183 -6.72 -14.20 0.87
CA LEU A 183 -5.41 -13.67 1.20
C LEU A 183 -4.82 -14.35 2.43
N GLU A 184 -5.65 -14.52 3.46
CA GLU A 184 -5.19 -15.14 4.70
C GLU A 184 -4.90 -16.62 4.48
N SER A 185 -5.75 -17.27 3.70
CA SER A 185 -5.58 -18.67 3.37
C SER A 185 -4.27 -18.97 2.67
N SER A 186 -3.99 -18.17 1.64
CA SER A 186 -2.78 -18.33 0.83
C SER A 186 -1.51 -18.31 1.68
N GLY A 187 -1.55 -17.62 2.81
CA GLY A 187 -0.40 -17.47 3.67
C GLY A 187 0.67 -16.51 3.18
N TRP A 188 0.49 -16.01 1.96
CA TRP A 188 1.53 -15.26 1.27
C TRP A 188 2.24 -14.19 2.11
N LEU A 189 1.44 -13.39 2.82
CA LEU A 189 2.02 -12.34 3.61
C LEU A 189 2.69 -12.88 4.88
N ARG A 190 2.30 -14.09 5.30
CA ARG A 190 2.98 -14.75 6.40
C ARG A 190 4.43 -15.07 5.98
N HIS A 191 4.55 -15.54 4.73
CA HIS A 191 5.82 -15.91 4.14
C HIS A 191 6.73 -14.72 3.90
N ILE A 192 6.16 -13.63 3.42
CA ILE A 192 6.89 -12.40 3.23
C ILE A 192 7.38 -11.94 4.59
N LYS A 193 6.47 -11.93 5.57
CA LYS A 193 6.79 -11.49 6.92
C LYS A 193 7.88 -12.33 7.59
N ALA A 194 7.85 -13.64 7.35
CA ALA A 194 8.86 -14.56 7.86
C ALA A 194 10.24 -14.23 7.30
N ILE A 195 10.36 -14.06 5.99
CA ILE A 195 11.64 -13.78 5.36
C ILE A 195 12.22 -12.50 5.90
N MET A 196 11.37 -11.50 6.08
CA MET A 196 11.82 -10.22 6.58
C MET A 196 12.33 -10.38 8.01
N ASP A 197 11.58 -11.10 8.82
CA ASP A 197 11.91 -11.25 10.22
C ASP A 197 13.27 -11.91 10.38
N ALA A 198 13.54 -12.83 9.46
CA ALA A 198 14.79 -13.55 9.44
C ALA A 198 15.89 -12.61 9.01
N GLY A 199 15.61 -11.74 8.05
CA GLY A 199 16.52 -10.67 7.71
C GLY A 199 16.84 -9.82 8.94
N ILE A 200 15.80 -9.31 9.58
CA ILE A 200 15.95 -8.45 10.75
C ILE A 200 16.70 -9.14 11.90
N PHE A 201 16.52 -10.45 12.05
CA PHE A 201 17.23 -11.21 13.09
C PHE A 201 18.72 -11.16 12.89
N ILE A 202 19.13 -11.45 11.66
CA ILE A 202 20.52 -11.45 11.24
C ILE A 202 21.14 -10.05 11.31
N THR A 203 20.37 -9.04 10.90
CA THR A 203 20.83 -7.66 10.99
C THR A 203 21.24 -7.27 12.41
N LYS A 204 20.44 -7.70 13.37
CA LYS A 204 20.64 -7.33 14.77
C LYS A 204 21.78 -8.15 15.37
N ALA A 205 21.81 -9.43 15.06
CA ALA A 205 22.97 -10.25 15.29
C ALA A 205 24.25 -9.50 14.92
N VAL A 206 24.32 -9.00 13.69
CA VAL A 206 25.53 -8.34 13.19
C VAL A 206 25.72 -6.92 13.74
N LYS A 207 24.70 -6.08 13.71
CA LYS A 207 24.86 -4.69 14.16
C LYS A 207 24.91 -4.58 15.67
N VAL A 208 23.86 -5.04 16.33
CA VAL A 208 23.72 -4.91 17.77
C VAL A 208 24.68 -5.82 18.53
N GLU A 209 24.56 -7.13 18.35
CA GLU A 209 25.38 -8.06 19.15
C GLU A 209 26.81 -8.18 18.65
N LYS A 210 27.07 -7.69 17.43
CA LYS A 210 28.37 -7.75 16.77
C LYS A 210 28.83 -9.19 16.65
N ALA A 211 27.90 -10.06 16.30
CA ALA A 211 28.17 -11.50 16.20
C ALA A 211 28.08 -11.97 14.76
N SER A 212 29.02 -12.79 14.34
CA SER A 212 29.01 -13.37 13.01
C SER A 212 27.87 -14.42 12.88
N VAL A 213 27.41 -14.65 11.64
CA VAL A 213 26.26 -15.51 11.41
C VAL A 213 26.51 -16.43 10.22
N LEU A 214 26.35 -17.73 10.41
CA LEU A 214 26.38 -18.65 9.29
C LEU A 214 24.96 -19.10 8.96
N VAL A 215 24.52 -18.77 7.75
CA VAL A 215 23.16 -19.05 7.35
C VAL A 215 23.10 -20.26 6.46
N HIS A 216 22.16 -21.16 6.70
CA HIS A 216 21.88 -22.15 5.66
C HIS A 216 20.42 -22.54 5.62
N SER A 217 20.01 -23.04 4.47
CA SER A 217 18.71 -23.63 4.35
C SER A 217 18.88 -25.13 4.20
N SER A 218 18.33 -25.70 3.14
CA SER A 218 18.60 -27.09 2.84
C SER A 218 19.68 -27.16 1.78
N ASP A 219 19.46 -26.45 0.68
CA ASP A 219 20.43 -26.43 -0.38
C ASP A 219 21.22 -25.14 -0.41
N GLY A 220 20.92 -24.21 0.47
CA GLY A 220 21.63 -22.93 0.50
C GLY A 220 21.62 -22.14 -0.79
N TRP A 221 20.44 -22.00 -1.42
CA TRP A 221 20.32 -21.21 -2.65
C TRP A 221 18.92 -20.60 -2.91
N ASP A 222 17.98 -20.84 -2.00
CA ASP A 222 16.66 -20.19 -2.08
C ASP A 222 16.43 -19.29 -0.88
N ARG A 223 15.96 -19.86 0.22
CA ARG A 223 15.79 -19.12 1.46
C ARG A 223 17.10 -18.48 1.95
N THR A 224 18.24 -19.15 1.77
CA THR A 224 19.54 -18.60 2.10
C THR A 224 19.82 -17.30 1.34
N ALA A 225 19.55 -17.29 0.03
CA ALA A 225 19.76 -16.08 -0.76
C ALA A 225 18.82 -14.94 -0.34
N GLN A 226 17.56 -15.27 -0.11
CA GLN A 226 16.57 -14.29 0.31
C GLN A 226 17.00 -13.58 1.57
N VAL A 227 17.26 -14.36 2.61
CA VAL A 227 17.48 -13.81 3.92
C VAL A 227 18.85 -13.11 4.05
N CYS A 228 19.87 -13.62 3.35
CA CYS A 228 21.16 -12.95 3.34
C CYS A 228 21.09 -11.63 2.61
N SER A 229 20.44 -11.63 1.46
CA SER A 229 20.25 -10.41 0.68
C SER A 229 19.54 -9.33 1.46
N VAL A 230 18.45 -9.72 2.10
CA VAL A 230 17.62 -8.81 2.85
C VAL A 230 18.44 -8.19 3.98
N ALA A 231 19.18 -9.03 4.70
CA ALA A 231 20.05 -8.54 5.79
C ALA A 231 21.04 -7.50 5.27
N SER A 232 21.68 -7.79 4.15
CA SER A 232 22.62 -6.85 3.54
C SER A 232 21.96 -5.51 3.22
N ILE A 233 20.79 -5.55 2.61
CA ILE A 233 20.04 -4.33 2.31
C ILE A 233 19.74 -3.57 3.61
N LEU A 234 19.50 -4.30 4.69
CA LEU A 234 19.27 -3.65 5.97
C LEU A 234 20.52 -3.00 6.57
N LEU A 235 21.67 -3.66 6.43
CA LEU A 235 22.88 -3.22 7.10
C LEU A 235 23.56 -2.08 6.37
N ASP A 236 23.47 -2.11 5.05
CA ASP A 236 24.35 -1.30 4.24
C ASP A 236 23.62 -0.49 3.18
N PRO A 237 23.69 0.85 3.29
CA PRO A 237 23.17 1.81 2.32
C PRO A 237 23.56 1.52 0.88
N PHE A 238 24.71 0.88 0.67
CA PHE A 238 25.22 0.70 -0.67
C PHE A 238 24.24 -0.10 -1.51
N TYR A 239 23.61 -1.10 -0.89
CA TYR A 239 22.71 -1.99 -1.62
C TYR A 239 21.33 -1.32 -1.83
N ARG A 240 21.22 -0.07 -1.42
CA ARG A 240 20.00 0.66 -1.60
C ARG A 240 20.15 1.62 -2.77
N THR A 241 21.17 1.39 -3.57
CA THR A 241 21.49 2.24 -4.72
C THR A 241 21.40 1.40 -5.98
N PHE A 242 21.29 2.04 -7.14
CA PHE A 242 21.20 1.32 -8.40
C PHE A 242 22.29 0.29 -8.56
N LYS A 243 23.53 0.72 -8.37
CA LYS A 243 24.70 -0.13 -8.55
C LYS A 243 24.71 -1.19 -7.45
N GLY A 244 24.45 -0.77 -6.23
CA GLY A 244 24.34 -1.68 -5.10
C GLY A 244 23.45 -2.87 -5.34
N LEU A 245 22.22 -2.64 -5.80
CA LEU A 245 21.28 -3.73 -5.96
C LEU A 245 21.67 -4.59 -7.15
N MET A 246 22.05 -3.95 -8.26
CA MET A 246 22.57 -4.67 -9.41
C MET A 246 23.66 -5.65 -8.97
N ILE A 247 24.51 -5.23 -8.03
CA ILE A 247 25.62 -6.03 -7.55
C ILE A 247 25.20 -7.15 -6.63
N LEU A 248 24.37 -6.86 -5.64
CA LEU A 248 23.84 -7.90 -4.74
C LEU A 248 23.22 -9.07 -5.53
N ILE A 249 22.40 -8.76 -6.54
CA ILE A 249 21.78 -9.79 -7.36
C ILE A 249 22.80 -10.64 -8.13
N GLU A 250 23.81 -10.02 -8.76
CA GLU A 250 24.82 -10.80 -9.48
C GLU A 250 25.62 -11.69 -8.52
N LYS A 251 25.98 -11.12 -7.37
CA LYS A 251 26.73 -11.86 -6.36
C LYS A 251 25.84 -12.90 -5.70
N GLU A 252 24.85 -12.48 -4.91
CA GLU A 252 24.15 -13.42 -4.03
C GLU A 252 23.15 -14.35 -4.72
N TRP A 253 22.64 -13.94 -5.86
CA TRP A 253 21.64 -14.75 -6.54
C TRP A 253 22.22 -15.48 -7.75
N ILE A 254 22.74 -14.73 -8.70
CA ILE A 254 23.21 -15.30 -9.96
C ILE A 254 24.48 -16.15 -9.84
N SER A 255 25.54 -15.60 -9.23
CA SER A 255 26.81 -16.30 -9.17
C SER A 255 26.76 -17.40 -8.13
N MET A 256 26.05 -17.13 -7.03
CA MET A 256 25.99 -18.07 -5.94
C MET A 256 25.02 -19.20 -6.21
N GLY A 257 24.31 -19.13 -7.34
CA GLY A 257 23.72 -20.32 -7.91
C GLY A 257 22.29 -20.60 -7.53
N HIS A 258 21.52 -19.56 -7.26
CA HIS A 258 20.08 -19.70 -7.27
C HIS A 258 19.71 -20.24 -8.66
N LYS A 259 18.88 -21.27 -8.71
CA LYS A 259 18.54 -21.91 -9.97
C LYS A 259 17.43 -21.20 -10.77
N PHE A 260 17.75 -20.04 -11.34
CA PHE A 260 16.77 -19.22 -12.08
C PHE A 260 16.05 -19.98 -13.18
N SER A 261 16.77 -20.68 -14.05
CA SER A 261 16.15 -21.42 -15.14
C SER A 261 15.10 -22.42 -14.64
N GLN A 262 15.36 -23.07 -13.52
CA GLN A 262 14.39 -24.03 -13.00
C GLN A 262 13.28 -23.32 -12.24
N ARG A 263 13.65 -22.34 -11.42
CA ARG A 263 12.67 -21.65 -10.57
C ARG A 263 11.69 -20.78 -11.36
N CYS A 264 12.18 -20.16 -12.43
CA CYS A 264 11.43 -19.23 -13.24
C CYS A 264 10.80 -19.87 -14.45
N GLY A 265 10.91 -21.19 -14.55
CA GLY A 265 10.38 -21.93 -15.68
C GLY A 265 10.88 -21.57 -17.08
N HIS A 266 12.16 -21.27 -17.26
CA HIS A 266 12.62 -20.93 -18.61
C HIS A 266 12.39 -22.05 -19.63
N LEU A 267 12.43 -23.31 -19.17
CA LEU A 267 12.30 -24.47 -20.05
C LEU A 267 11.11 -25.36 -19.70
N ASP A 268 10.71 -25.36 -18.44
CA ASP A 268 9.60 -26.19 -18.02
C ASP A 268 8.83 -25.52 -16.88
N GLY A 269 7.63 -25.01 -17.19
CA GLY A 269 6.79 -24.30 -16.24
C GLY A 269 5.87 -25.16 -15.38
N ASP A 270 5.74 -26.44 -15.71
CA ASP A 270 4.83 -27.35 -15.00
C ASP A 270 5.55 -28.19 -13.94
N SER A 271 6.78 -27.81 -13.64
CA SER A 271 7.65 -28.58 -12.75
C SER A 271 7.53 -28.21 -11.28
N LYS A 272 7.78 -29.19 -10.41
CA LYS A 272 7.73 -28.99 -8.97
C LYS A 272 8.96 -28.21 -8.50
N GLU A 273 9.74 -27.75 -9.47
CA GLU A 273 10.92 -26.95 -9.20
C GLU A 273 10.66 -25.44 -9.37
N VAL A 274 9.54 -25.09 -10.02
CA VAL A 274 9.10 -23.69 -10.18
C VAL A 274 8.63 -23.07 -8.86
N SER A 275 9.12 -21.89 -8.53
CA SER A 275 8.72 -21.20 -7.30
C SER A 275 9.08 -19.72 -7.34
N PRO A 276 8.25 -18.85 -6.75
CA PRO A 276 8.45 -17.40 -6.79
C PRO A 276 9.37 -16.87 -5.71
N ILE A 277 10.58 -17.44 -5.64
CA ILE A 277 11.53 -17.12 -4.59
C ILE A 277 12.19 -15.75 -4.78
N PHE A 278 12.63 -15.47 -6.00
CA PHE A 278 13.16 -14.14 -6.32
C PHE A 278 12.04 -13.09 -6.25
N THR A 279 10.83 -13.48 -6.59
CA THR A 279 9.70 -12.58 -6.47
C THR A 279 9.54 -12.15 -5.03
N GLN A 280 9.45 -13.08 -4.10
CA GLN A 280 9.40 -12.74 -2.67
C GLN A 280 10.54 -11.80 -2.23
N PHE A 281 11.72 -11.96 -2.80
CA PHE A 281 12.82 -11.12 -2.38
C PHE A 281 12.57 -9.66 -2.82
N LEU A 282 12.11 -9.47 -4.06
CA LEU A 282 11.83 -8.14 -4.55
C LEU A 282 10.68 -7.54 -3.74
N ASP A 283 9.72 -8.39 -3.39
CA ASP A 283 8.60 -7.99 -2.56
C ASP A 283 9.11 -7.46 -1.21
N CYS A 284 10.13 -8.13 -0.67
CA CYS A 284 10.75 -7.72 0.58
C CYS A 284 11.41 -6.36 0.46
N ILE A 285 11.97 -6.05 -0.69
CA ILE A 285 12.57 -4.76 -0.89
C ILE A 285 11.48 -3.74 -1.02
N TRP A 286 10.44 -4.10 -1.76
CA TRP A 286 9.29 -3.24 -1.88
C TRP A 286 8.75 -2.84 -0.52
N GLN A 287 8.61 -3.82 0.37
CA GLN A 287 8.05 -3.54 1.69
C GLN A 287 8.90 -2.50 2.41
N LEU A 288 10.21 -2.59 2.26
CA LEU A 288 11.07 -1.65 2.96
C LEU A 288 10.94 -0.28 2.35
N MET A 289 10.84 -0.22 1.02
CA MET A 289 10.66 1.04 0.32
C MET A 289 9.42 1.73 0.81
N GLU A 290 8.34 0.98 0.94
CA GLU A 290 7.09 1.51 1.47
C GLU A 290 7.27 2.09 2.87
N GLN A 291 8.07 1.41 3.68
CA GLN A 291 8.26 1.82 5.07
C GLN A 291 9.33 2.91 5.20
N PHE A 292 10.20 3.00 4.20
CA PHE A 292 11.29 3.97 4.18
C PHE A 292 11.34 4.61 2.81
N PRO A 293 10.41 5.55 2.55
CA PRO A 293 10.22 6.22 1.24
C PRO A 293 11.45 6.99 0.76
N CYS A 294 12.40 7.24 1.65
CA CYS A 294 13.58 8.04 1.32
C CYS A 294 14.89 7.26 1.28
N ALA A 295 14.86 6.02 1.74
CA ALA A 295 16.08 5.26 1.97
C ALA A 295 16.67 4.70 0.69
N PHE A 296 15.84 4.51 -0.34
CA PHE A 296 16.31 3.84 -1.54
C PHE A 296 16.47 4.81 -2.69
N GLU A 297 17.48 4.58 -3.53
CA GLU A 297 17.68 5.42 -4.71
C GLU A 297 16.65 5.11 -5.79
N PHE A 298 16.25 3.86 -5.90
CA PHE A 298 15.39 3.41 -6.99
C PHE A 298 13.92 3.39 -6.59
N ASN A 299 13.04 3.47 -7.58
CA ASN A 299 11.61 3.37 -7.35
C ASN A 299 11.09 1.96 -7.63
N GLU A 300 9.80 1.78 -7.39
CA GLU A 300 9.10 0.52 -7.64
C GLU A 300 9.28 -0.01 -9.07
N ASN A 301 9.48 0.88 -10.04
CA ASN A 301 9.58 0.47 -11.44
C ASN A 301 10.85 -0.31 -11.74
N PHE A 302 11.94 0.07 -11.08
CA PHE A 302 13.22 -0.61 -11.21
C PHE A 302 13.05 -2.09 -10.89
N LEU A 303 12.43 -2.39 -9.75
CA LEU A 303 12.24 -3.77 -9.33
C LEU A 303 11.39 -4.52 -10.34
N LEU A 304 10.31 -3.87 -10.79
CA LEU A 304 9.38 -4.50 -11.71
C LEU A 304 10.03 -4.80 -13.07
N GLU A 305 10.89 -3.91 -13.56
CA GLU A 305 11.61 -4.19 -14.79
C GLU A 305 12.61 -5.34 -14.62
N ILE A 306 13.32 -5.36 -13.49
CA ILE A 306 14.25 -6.45 -13.20
C ILE A 306 13.49 -7.76 -13.18
N HIS A 307 12.34 -7.76 -12.53
CA HIS A 307 11.52 -8.94 -12.44
C HIS A 307 11.10 -9.43 -13.83
N ASP A 308 10.93 -8.47 -14.73
CA ASP A 308 10.47 -8.78 -16.07
C ASP A 308 11.54 -9.55 -16.81
N HIS A 309 12.78 -9.16 -16.64
CA HIS A 309 13.83 -9.74 -17.45
C HIS A 309 14.43 -10.98 -16.83
N VAL A 310 14.21 -11.17 -15.53
CA VAL A 310 14.40 -12.49 -14.95
C VAL A 310 13.60 -13.55 -15.74
N PHE A 311 12.45 -13.15 -16.28
CA PHE A 311 11.60 -14.08 -17.02
C PHE A 311 11.70 -13.96 -18.55
N SER A 312 12.04 -12.78 -19.08
CA SER A 312 11.92 -12.58 -20.54
C SER A 312 12.97 -13.38 -21.30
N CYS A 313 14.11 -13.63 -20.64
CA CYS A 313 15.32 -14.23 -21.20
C CYS A 313 15.90 -13.38 -22.33
N GLN A 314 15.55 -12.11 -22.34
CA GLN A 314 16.03 -11.15 -23.33
C GLN A 314 17.53 -10.94 -23.19
N PHE A 315 18.03 -11.15 -21.99
CA PHE A 315 19.41 -10.94 -21.64
C PHE A 315 20.03 -12.26 -21.17
N GLY A 316 21.31 -12.25 -20.80
CA GLY A 316 21.99 -13.48 -20.44
C GLY A 316 22.11 -13.73 -18.94
N ASN A 317 21.97 -12.67 -18.15
CA ASN A 317 22.33 -12.67 -16.74
C ASN A 317 21.71 -13.78 -15.91
N PHE A 318 20.49 -14.18 -16.26
CA PHE A 318 19.71 -15.08 -15.42
C PHE A 318 19.52 -16.45 -16.04
N LEU A 319 20.26 -16.74 -17.10
CA LEU A 319 20.08 -18.00 -17.80
C LEU A 319 20.77 -19.16 -17.06
N GLY A 320 20.22 -20.36 -17.22
CA GLY A 320 20.80 -21.53 -16.60
C GLY A 320 20.69 -21.49 -15.09
N ASN A 321 21.39 -22.39 -14.41
CA ASN A 321 21.19 -22.61 -12.98
C ASN A 321 22.42 -22.39 -12.09
N CYS A 322 23.51 -21.91 -12.70
CA CYS A 322 24.74 -21.58 -11.97
C CYS A 322 25.73 -21.00 -12.94
N GLN A 323 26.85 -20.49 -12.43
CA GLN A 323 27.89 -19.88 -13.28
C GLN A 323 28.48 -20.83 -14.29
N LYS A 324 28.78 -22.05 -13.87
CA LYS A 324 29.27 -23.04 -14.80
C LYS A 324 28.29 -23.23 -15.97
N ASP A 325 26.99 -23.34 -15.70
CA ASP A 325 26.00 -23.41 -16.77
C ASP A 325 26.13 -22.25 -17.76
N ARG A 326 26.08 -21.04 -17.22
CA ARG A 326 26.25 -19.85 -18.03
C ARG A 326 27.55 -19.81 -18.84
N GLU A 327 28.69 -20.17 -18.24
CA GLU A 327 29.94 -20.32 -18.98
C GLU A 327 29.81 -21.30 -20.14
N ASP A 328 29.21 -22.47 -19.88
CA ASP A 328 28.95 -23.46 -20.92
C ASP A 328 28.03 -22.95 -22.03
N LEU A 329 27.07 -22.08 -21.67
CA LEU A 329 26.16 -21.51 -22.68
C LEU A 329 26.81 -20.35 -23.44
N ARG A 330 28.06 -20.05 -23.13
CA ARG A 330 28.80 -18.97 -23.79
C ARG A 330 28.03 -17.67 -23.75
N VAL A 331 27.41 -17.42 -22.61
CA VAL A 331 26.47 -16.31 -22.45
C VAL A 331 27.16 -14.96 -22.38
N TYR A 332 28.39 -14.94 -21.89
CA TYR A 332 29.09 -13.68 -21.69
C TYR A 332 29.73 -13.18 -23.01
N GLU A 333 29.63 -13.99 -24.05
CA GLU A 333 30.26 -13.68 -25.32
C GLU A 333 29.23 -13.43 -26.41
N LYS A 334 28.06 -14.04 -26.25
CA LYS A 334 27.07 -14.12 -27.31
C LYS A 334 25.75 -13.41 -26.99
N THR A 335 25.59 -12.97 -25.75
CA THR A 335 24.40 -12.26 -25.31
C THR A 335 24.80 -10.97 -24.61
N HIS A 336 23.81 -10.15 -24.27
CA HIS A 336 24.08 -8.89 -23.59
C HIS A 336 23.60 -8.95 -22.13
N SER A 337 24.02 -7.96 -21.34
CA SER A 337 23.68 -7.86 -19.92
C SER A 337 22.56 -6.83 -19.66
N VAL A 338 21.63 -7.19 -18.77
CA VAL A 338 20.55 -6.28 -18.38
C VAL A 338 21.09 -4.96 -17.84
N TRP A 339 22.13 -5.01 -17.03
CA TRP A 339 22.48 -3.85 -16.20
C TRP A 339 22.75 -2.56 -17.03
N PRO A 340 23.58 -2.64 -18.11
CA PRO A 340 23.73 -1.49 -19.03
C PRO A 340 22.39 -0.96 -19.53
N PHE A 341 21.54 -1.88 -19.93
CA PHE A 341 20.25 -1.59 -20.50
C PHE A 341 19.36 -0.85 -19.50
N LEU A 342 19.39 -1.29 -18.24
CA LEU A 342 18.61 -0.63 -17.20
C LEU A 342 19.26 0.69 -16.80
N VAL A 343 20.58 0.80 -16.93
CA VAL A 343 21.28 2.07 -16.64
C VAL A 343 20.86 3.14 -17.67
N GLN A 344 20.58 2.73 -18.90
CA GLN A 344 20.06 3.64 -19.93
C GLN A 344 18.82 4.35 -19.42
N ARG A 345 18.01 3.60 -18.68
CA ARG A 345 16.66 4.04 -18.32
C ARG A 345 16.53 4.55 -16.88
N LYS A 346 17.63 4.89 -16.24
CA LYS A 346 17.60 5.41 -14.85
C LYS A 346 16.64 6.59 -14.61
N PRO A 347 16.45 7.47 -15.61
CA PRO A 347 15.41 8.51 -15.46
C PRO A 347 14.04 8.01 -14.99
N ASP A 348 13.64 6.84 -15.48
CA ASP A 348 12.36 6.27 -15.14
C ASP A 348 12.40 5.45 -13.84
N PHE A 349 13.60 5.33 -13.25
CA PHE A 349 13.82 4.43 -12.13
C PHE A 349 14.17 5.13 -10.82
N ARG A 350 14.23 6.46 -10.86
CA ARG A 350 14.71 7.20 -9.70
C ARG A 350 13.62 7.60 -8.70
N ASN A 351 13.80 7.19 -7.45
CA ASN A 351 13.01 7.66 -6.33
C ASN A 351 13.35 9.11 -6.03
N PRO A 352 12.39 10.02 -6.27
CA PRO A 352 12.71 11.44 -6.18
C PRO A 352 12.69 11.94 -4.74
N LEU A 353 12.38 11.05 -3.80
CA LEU A 353 12.39 11.41 -2.38
C LEU A 353 13.69 10.98 -1.73
N TYR A 354 14.56 10.37 -2.54
CA TYR A 354 15.85 9.83 -2.08
C TYR A 354 16.74 10.88 -1.44
N LYS A 355 17.20 10.60 -0.23
CA LYS A 355 18.03 11.55 0.51
C LYS A 355 19.52 11.17 0.54
N GLY A 356 19.98 10.48 -0.48
CA GLY A 356 21.40 10.20 -0.61
C GLY A 356 22.01 9.16 0.32
N PHE A 357 23.28 8.89 0.07
CA PHE A 357 24.02 7.79 0.68
C PHE A 357 24.24 7.92 2.19
N THR A 358 24.58 9.12 2.65
CA THR A 358 25.05 9.33 4.02
C THR A 358 23.90 9.45 5.03
N MET A 359 22.68 9.55 4.51
CA MET A 359 21.51 9.80 5.34
C MET A 359 21.21 8.65 6.30
N TYR A 360 20.85 7.49 5.75
CA TYR A 360 20.46 6.36 6.59
C TYR A 360 21.62 5.41 6.82
N GLY A 361 21.62 4.75 7.99
CA GLY A 361 22.58 3.70 8.25
C GLY A 361 21.92 2.35 8.16
N VAL A 362 21.67 1.75 9.33
CA VAL A 362 21.02 0.47 9.39
C VAL A 362 19.55 0.70 9.59
N LEU A 363 18.73 0.02 8.79
CA LEU A 363 17.28 0.19 8.80
C LEU A 363 16.61 -0.66 9.85
N ASN A 364 15.71 -0.08 10.62
CA ASN A 364 14.96 -0.87 11.57
C ASN A 364 13.48 -0.88 11.26
N PRO A 365 13.07 -1.71 10.31
CA PRO A 365 11.66 -1.81 9.96
C PRO A 365 10.87 -2.52 11.05
N SER A 366 9.55 -2.34 11.03
CA SER A 366 8.70 -3.11 11.89
C SER A 366 7.94 -4.07 11.03
N THR A 367 7.73 -5.28 11.55
CA THR A 367 6.98 -6.25 10.81
C THR A 367 5.69 -6.55 11.54
N VAL A 368 5.10 -5.53 12.16
CA VAL A 368 3.72 -5.61 12.63
C VAL A 368 2.84 -5.72 11.41
N PRO A 369 2.04 -6.80 11.33
CA PRO A 369 1.45 -7.26 10.06
C PRO A 369 0.73 -6.19 9.21
N TYR A 370 0.19 -5.12 9.80
CA TYR A 370 -0.44 -4.09 8.97
C TYR A 370 0.58 -3.34 8.09
N ASN A 371 1.85 -3.61 8.32
CA ASN A 371 2.91 -3.04 7.53
C ASN A 371 3.19 -3.87 6.28
N ILE A 372 2.87 -5.15 6.34
CA ILE A 372 3.17 -6.06 5.23
C ILE A 372 1.96 -6.18 4.31
N GLN A 373 2.02 -5.49 3.17
CA GLN A 373 0.86 -5.32 2.30
C GLN A 373 1.02 -6.03 0.96
N PHE A 374 -0.12 -6.39 0.38
CA PHE A 374 -0.22 -6.89 -0.99
C PHE A 374 0.42 -5.87 -1.93
N TRP A 375 1.23 -6.36 -2.88
CA TRP A 375 1.97 -5.47 -3.77
C TRP A 375 1.27 -5.44 -5.12
N CYS A 376 0.46 -4.41 -5.36
CA CYS A 376 -0.36 -4.30 -6.56
C CYS A 376 0.43 -4.29 -7.87
N GLY A 377 1.50 -3.51 -7.89
CA GLY A 377 2.29 -3.33 -9.08
C GLY A 377 2.91 -4.62 -9.55
N MET A 378 3.05 -5.57 -8.62
CA MET A 378 3.65 -6.86 -8.91
C MET A 378 2.62 -7.89 -9.26
N TYR A 379 1.57 -8.04 -8.44
CA TYR A 379 0.56 -9.08 -8.71
C TYR A 379 -0.50 -8.47 -9.61
N ASN A 380 0.05 -7.86 -10.67
CA ASN A 380 -0.59 -7.23 -11.82
C ASN A 380 0.36 -7.38 -13.02
N ARG A 381 1.28 -8.34 -12.91
CA ARG A 381 2.22 -8.67 -13.99
C ARG A 381 2.15 -10.16 -14.27
N PHE A 382 1.40 -10.85 -13.42
CA PHE A 382 1.20 -12.28 -13.54
C PHE A 382 -0.05 -12.60 -14.35
N SER B 4 -8.43 38.08 7.87
CA SER B 4 -8.28 38.24 6.43
C SER B 4 -7.87 36.92 5.80
N GLY B 5 -7.23 36.08 6.60
CA GLY B 5 -6.95 34.70 6.19
C GLY B 5 -8.24 33.89 6.06
N TRP B 6 -9.30 34.39 6.69
CA TRP B 6 -10.61 33.77 6.62
C TRP B 6 -11.31 33.95 5.27
N LYS B 7 -10.66 34.59 4.31
CA LYS B 7 -11.24 34.81 2.99
C LYS B 7 -10.48 34.09 1.89
N LEU B 8 -9.36 33.49 2.25
CA LEU B 8 -8.48 32.82 1.29
C LEU B 8 -9.24 31.77 0.48
N ILE B 9 -10.02 30.95 1.19
CA ILE B 9 -10.86 29.95 0.58
C ILE B 9 -12.32 30.31 0.78
N ASP B 10 -13.00 30.61 -0.32
CA ASP B 10 -14.41 30.93 -0.31
C ASP B 10 -15.13 29.89 -1.16
N PRO B 11 -16.08 29.16 -0.55
CA PRO B 11 -16.85 28.11 -1.23
C PRO B 11 -17.59 28.55 -2.50
N ILE B 12 -18.28 29.70 -2.46
CA ILE B 12 -19.19 30.09 -3.54
C ILE B 12 -18.45 30.28 -4.84
N SER B 13 -17.18 30.64 -4.72
CA SER B 13 -16.32 30.85 -5.88
C SER B 13 -16.32 29.63 -6.80
N ASP B 14 -16.51 28.45 -6.22
CA ASP B 14 -16.48 27.21 -7.00
C ASP B 14 -17.67 27.11 -7.95
N PHE B 15 -18.80 27.70 -7.55
CA PHE B 15 -19.98 27.77 -8.43
C PHE B 15 -19.66 28.63 -9.64
N GLY B 16 -18.89 29.69 -9.41
CA GLY B 16 -18.47 30.54 -10.50
C GLY B 16 -17.62 29.76 -11.48
N ARG B 17 -16.75 28.93 -10.92
CA ARG B 17 -15.80 28.15 -11.70
C ARG B 17 -16.50 27.18 -12.64
N MET B 18 -17.69 26.72 -12.27
CA MET B 18 -18.47 25.87 -13.16
C MET B 18 -19.49 26.68 -13.98
N GLY B 19 -19.36 28.00 -13.96
CA GLY B 19 -20.14 28.87 -14.83
C GLY B 19 -21.54 29.20 -14.33
N ILE B 20 -21.61 29.70 -13.11
CA ILE B 20 -22.88 29.93 -12.43
C ILE B 20 -22.91 31.30 -11.74
N PRO B 21 -24.01 32.05 -11.88
CA PRO B 21 -25.28 31.72 -12.57
C PRO B 21 -25.16 31.51 -14.08
N ASN B 22 -26.15 30.82 -14.63
CA ASN B 22 -26.30 30.68 -16.07
C ASN B 22 -27.77 30.43 -16.44
N ARG B 23 -27.99 29.94 -17.66
CA ARG B 23 -29.35 29.77 -18.17
C ARG B 23 -30.14 28.69 -17.42
N ASN B 24 -29.44 27.87 -16.63
CA ASN B 24 -30.09 26.76 -15.94
C ASN B 24 -30.00 26.78 -14.41
N TRP B 25 -29.04 27.51 -13.86
CA TRP B 25 -28.79 27.44 -12.43
C TRP B 25 -28.59 28.83 -11.87
N THR B 26 -29.05 29.09 -10.65
CA THR B 26 -28.79 30.37 -10.03
C THR B 26 -28.33 30.15 -8.61
N ILE B 27 -27.75 31.20 -8.01
CA ILE B 27 -27.53 31.25 -6.58
C ILE B 27 -28.64 32.08 -5.96
N THR B 28 -29.55 31.47 -5.23
CA THR B 28 -30.61 32.26 -4.59
C THR B 28 -30.14 32.77 -3.23
N ASP B 29 -30.70 33.90 -2.84
CA ASP B 29 -30.42 34.52 -1.58
C ASP B 29 -31.37 33.97 -0.52
N ALA B 30 -32.28 33.10 -0.96
CA ALA B 30 -33.41 32.63 -0.15
C ALA B 30 -33.03 32.18 1.26
N ASN B 31 -31.83 31.65 1.45
CA ASN B 31 -31.46 31.16 2.76
C ASN B 31 -30.56 32.14 3.52
N ARG B 32 -30.54 33.40 3.07
CA ARG B 32 -29.65 34.42 3.63
C ARG B 32 -29.76 34.50 5.14
N ASN B 33 -30.98 34.36 5.64
CA ASN B 33 -31.23 34.37 7.08
C ASN B 33 -31.70 33.01 7.57
N TYR B 34 -31.26 31.96 6.89
CA TYR B 34 -31.43 30.56 7.32
C TYR B 34 -32.87 30.17 7.57
N GLU B 35 -33.79 30.76 6.83
CA GLU B 35 -35.20 30.52 7.07
C GLU B 35 -35.77 29.43 6.18
N ILE B 36 -35.02 29.06 5.14
CA ILE B 36 -35.42 27.93 4.29
C ILE B 36 -34.91 26.65 4.96
N CYS B 37 -33.61 26.60 5.19
CA CYS B 37 -32.97 25.47 5.86
C CYS B 37 -31.95 25.97 6.88
N SER B 38 -32.09 25.52 8.12
CA SER B 38 -31.31 26.09 9.21
C SER B 38 -29.86 25.59 9.21
N THR B 39 -29.63 24.46 8.53
CA THR B 39 -28.35 23.76 8.58
C THR B 39 -27.65 23.87 7.23
N TYR B 40 -28.28 24.59 6.31
CA TYR B 40 -27.65 24.95 5.04
C TYR B 40 -26.90 26.27 5.17
N PRO B 41 -26.05 26.60 4.19
CA PRO B 41 -25.39 27.91 4.22
C PRO B 41 -26.31 28.99 3.67
N PRO B 42 -25.97 30.27 3.90
CA PRO B 42 -26.72 31.44 3.41
C PRO B 42 -26.95 31.49 1.89
N GLU B 43 -25.98 31.06 1.09
CA GLU B 43 -26.19 30.95 -0.36
C GLU B 43 -26.16 29.49 -0.84
N ILE B 44 -26.87 29.23 -1.94
CA ILE B 44 -27.27 27.88 -2.32
C ILE B 44 -27.72 27.88 -3.77
N VAL B 45 -27.62 26.75 -4.47
CA VAL B 45 -27.96 26.75 -5.89
C VAL B 45 -29.17 25.89 -6.25
N VAL B 46 -30.08 26.46 -7.04
CA VAL B 46 -31.32 25.80 -7.48
C VAL B 46 -31.54 26.07 -8.98
N PRO B 47 -32.42 25.30 -9.63
CA PRO B 47 -32.58 25.61 -11.05
C PRO B 47 -33.16 27.00 -11.26
N LYS B 48 -32.96 27.57 -12.44
CA LYS B 48 -33.45 28.91 -12.73
C LYS B 48 -34.98 28.89 -12.78
N SER B 49 -35.54 27.91 -13.49
CA SER B 49 -36.97 27.82 -13.74
C SER B 49 -37.84 27.63 -12.50
N VAL B 50 -37.21 27.38 -11.36
CA VAL B 50 -37.94 27.13 -10.12
C VAL B 50 -38.30 28.44 -9.40
N THR B 51 -39.54 28.51 -8.90
CA THR B 51 -39.96 29.65 -8.10
C THR B 51 -39.52 29.51 -6.65
N LEU B 52 -39.64 30.57 -5.88
CA LEU B 52 -39.33 30.46 -4.46
C LEU B 52 -40.30 29.50 -3.78
N GLY B 53 -41.54 29.51 -4.25
CA GLY B 53 -42.60 28.73 -3.64
C GLY B 53 -42.37 27.23 -3.72
N THR B 54 -41.82 26.80 -4.85
CA THR B 54 -41.45 25.41 -5.06
C THR B 54 -40.27 24.98 -4.17
N VAL B 55 -39.25 25.84 -4.07
CA VAL B 55 -38.10 25.55 -3.21
C VAL B 55 -38.56 25.29 -1.77
N VAL B 56 -39.35 26.21 -1.21
CA VAL B 56 -39.78 26.05 0.19
C VAL B 56 -40.75 24.88 0.30
N GLY B 57 -41.54 24.68 -0.75
CA GLY B 57 -42.55 23.63 -0.78
C GLY B 57 -41.86 22.30 -0.64
N SER B 58 -40.74 22.18 -1.37
CA SER B 58 -39.90 20.98 -1.38
C SER B 58 -39.19 20.79 -0.07
N SER B 59 -38.63 21.87 0.46
CA SER B 59 -37.89 21.84 1.71
C SER B 59 -38.73 21.30 2.85
N LYS B 60 -40.03 21.53 2.79
CA LYS B 60 -40.94 21.08 3.85
C LYS B 60 -41.32 19.60 3.69
N PHE B 61 -40.86 19.00 2.59
CA PHE B 61 -41.07 17.58 2.31
C PHE B 61 -39.76 16.81 2.41
N ARG B 62 -38.72 17.49 2.90
CA ARG B 62 -37.38 16.91 3.08
C ARG B 62 -37.00 17.00 4.54
N SER B 63 -36.43 15.93 5.08
CA SER B 63 -36.00 15.91 6.47
C SER B 63 -35.01 17.05 6.79
N LYS B 64 -35.19 17.68 7.94
CA LYS B 64 -34.29 18.75 8.38
C LYS B 64 -34.34 19.92 7.41
N GLU B 65 -35.36 19.89 6.56
CA GLU B 65 -35.58 20.88 5.52
C GLU B 65 -34.41 21.00 4.53
N ARG B 66 -33.52 20.01 4.55
CA ARG B 66 -32.37 20.00 3.66
C ARG B 66 -32.78 19.65 2.23
N VAL B 67 -33.36 20.65 1.58
CA VAL B 67 -33.85 20.60 0.21
C VAL B 67 -32.76 20.24 -0.82
N PRO B 68 -33.14 19.61 -1.94
CA PRO B 68 -32.20 19.47 -3.06
C PRO B 68 -31.52 20.77 -3.44
N VAL B 69 -30.19 20.78 -3.46
CA VAL B 69 -29.40 21.90 -3.93
C VAL B 69 -28.24 21.36 -4.75
N LEU B 70 -27.56 22.24 -5.49
CA LEU B 70 -26.50 21.78 -6.38
C LEU B 70 -25.18 21.51 -5.66
N SER B 71 -24.53 20.42 -6.05
CA SER B 71 -23.23 20.08 -5.50
C SER B 71 -22.15 20.38 -6.55
N TYR B 72 -22.36 19.89 -7.77
CA TYR B 72 -21.37 20.05 -8.84
C TYR B 72 -22.02 19.96 -10.20
N LEU B 73 -21.68 20.91 -11.09
CA LEU B 73 -22.14 20.92 -12.47
C LEU B 73 -21.01 20.59 -13.44
N TYR B 74 -21.15 19.49 -14.16
CA TYR B 74 -20.14 19.10 -15.14
C TYR B 74 -20.41 19.89 -16.41
N LYS B 75 -19.74 21.05 -16.55
CA LYS B 75 -19.99 22.01 -17.65
C LYS B 75 -20.08 21.38 -19.03
N GLU B 76 -19.13 20.50 -19.31
CA GLU B 76 -19.04 19.84 -20.61
C GLU B 76 -20.32 19.05 -20.97
N ASN B 77 -21.14 18.79 -19.95
CA ASN B 77 -22.26 17.87 -20.06
C ASN B 77 -23.62 18.48 -19.76
N ASN B 78 -23.60 19.49 -18.89
CA ASN B 78 -24.78 20.11 -18.27
C ASN B 78 -25.43 19.16 -17.27
N ALA B 79 -24.90 17.93 -17.20
CA ALA B 79 -25.33 16.95 -16.21
C ALA B 79 -24.81 17.38 -14.86
N ALA B 80 -25.63 17.23 -13.83
CA ALA B 80 -25.26 17.76 -12.52
C ALA B 80 -25.50 16.77 -11.40
N ILE B 81 -24.96 17.10 -10.24
CA ILE B 81 -25.12 16.31 -9.05
C ILE B 81 -25.73 17.19 -7.99
N CYS B 82 -26.92 16.84 -7.54
CA CYS B 82 -27.53 17.57 -6.43
C CYS B 82 -27.60 16.70 -5.21
N ARG B 83 -27.77 17.33 -4.07
CA ARG B 83 -27.79 16.61 -2.81
C ARG B 83 -28.94 17.09 -1.92
N CYS B 84 -29.46 16.21 -1.06
CA CYS B 84 -30.52 16.57 -0.11
C CYS B 84 -30.66 15.55 1.00
N SER B 85 -31.72 15.66 1.78
CA SER B 85 -32.05 14.64 2.77
C SER B 85 -33.19 13.78 2.25
N GLN B 86 -33.53 12.73 3.00
CA GLN B 86 -34.61 11.83 2.60
C GLN B 86 -35.96 12.55 2.59
N PRO B 87 -36.84 12.18 1.65
CA PRO B 87 -38.19 12.75 1.58
C PRO B 87 -39.07 12.35 2.77
N LEU B 88 -40.09 13.15 3.07
CA LEU B 88 -41.05 12.82 4.12
C LEU B 88 -42.32 12.24 3.51
N SER B 89 -42.15 11.18 2.73
CA SER B 89 -43.23 10.61 1.93
C SER B 89 -43.89 9.40 2.57
N GLY B 90 -43.28 8.87 3.64
CA GLY B 90 -43.78 7.70 4.35
C GLY B 90 -44.24 6.58 3.43
N PHE B 91 -45.42 6.06 3.71
CA PHE B 91 -45.95 4.99 2.89
C PHE B 91 -46.76 5.47 1.70
N TYR B 92 -47.45 6.60 1.82
CA TYR B 92 -48.40 7.00 0.78
C TYR B 92 -48.34 8.45 0.35
N THR B 93 -47.83 9.32 1.22
CA THR B 93 -47.98 10.74 0.94
C THR B 93 -47.05 11.23 -0.17
N ARG B 94 -47.54 12.19 -0.95
CA ARG B 94 -46.77 12.78 -2.04
C ARG B 94 -46.70 14.28 -1.86
N CYS B 95 -46.09 14.96 -2.83
CA CYS B 95 -45.90 16.39 -2.75
C CYS B 95 -45.60 16.93 -4.13
N VAL B 96 -46.50 17.76 -4.63
CA VAL B 96 -46.36 18.31 -5.96
C VAL B 96 -45.11 19.16 -6.02
N ASP B 97 -44.86 19.95 -4.98
CA ASP B 97 -43.72 20.87 -4.99
C ASP B 97 -42.39 20.12 -5.08
N ASP B 98 -42.22 19.10 -4.27
CA ASP B 98 -41.02 18.28 -4.34
C ASP B 98 -40.90 17.58 -5.69
N GLU B 99 -42.01 17.09 -6.21
CA GLU B 99 -41.99 16.40 -7.49
C GLU B 99 -41.58 17.31 -8.63
N LEU B 100 -41.98 18.57 -8.53
CA LEU B 100 -41.73 19.55 -9.57
C LEU B 100 -40.29 20.00 -9.54
N LEU B 101 -39.76 20.22 -8.33
CA LEU B 101 -38.36 20.63 -8.17
C LEU B 101 -37.36 19.55 -8.65
N LEU B 102 -37.71 18.29 -8.48
CA LEU B 102 -36.91 17.22 -9.06
C LEU B 102 -37.04 17.17 -10.58
N GLU B 103 -38.16 17.63 -11.14
CA GLU B 103 -38.29 17.58 -12.60
C GLU B 103 -37.52 18.75 -13.22
N ALA B 104 -37.39 19.82 -12.45
CA ALA B 104 -36.67 21.01 -12.90
C ALA B 104 -35.17 20.73 -12.95
N ILE B 105 -34.68 20.08 -11.90
CA ILE B 105 -33.33 19.54 -11.91
C ILE B 105 -33.07 18.71 -13.17
N SER B 106 -33.92 17.75 -13.47
CA SER B 106 -33.71 16.93 -14.67
C SER B 106 -33.88 17.72 -15.97
N GLN B 107 -34.59 18.84 -15.92
CA GLN B 107 -34.83 19.60 -17.14
C GLN B 107 -33.79 20.68 -17.35
N THR B 108 -32.78 20.69 -16.48
CA THR B 108 -31.60 21.50 -16.67
C THR B 108 -30.62 20.68 -17.51
N ASN B 109 -30.96 19.42 -17.73
CA ASN B 109 -30.17 18.53 -18.57
C ASN B 109 -31.10 17.78 -19.52
N PRO B 110 -31.54 18.46 -20.58
CA PRO B 110 -32.56 17.94 -21.48
C PRO B 110 -32.06 16.80 -22.38
N GLY B 111 -30.75 16.64 -22.48
CA GLY B 111 -30.16 15.62 -23.32
C GLY B 111 -30.53 14.21 -22.89
N SER B 112 -30.69 14.00 -21.58
CA SER B 112 -30.98 12.66 -21.08
C SER B 112 -32.44 12.53 -20.74
N GLN B 113 -32.98 11.38 -21.11
CA GLN B 113 -34.39 11.06 -20.95
C GLN B 113 -34.71 10.68 -19.50
N PHE B 114 -33.68 10.60 -18.67
CA PHE B 114 -33.86 10.19 -17.28
C PHE B 114 -32.82 10.78 -16.32
N MET B 115 -33.24 10.89 -15.07
CA MET B 115 -32.41 11.39 -14.01
C MET B 115 -32.18 10.26 -13.03
N TYR B 116 -31.02 10.23 -12.41
CA TYR B 116 -30.80 9.23 -11.37
C TYR B 116 -31.16 9.82 -10.01
N VAL B 117 -31.68 8.99 -9.12
CA VAL B 117 -31.80 9.37 -7.72
C VAL B 117 -31.07 8.33 -6.91
N VAL B 118 -30.07 8.78 -6.15
CA VAL B 118 -29.18 7.87 -5.47
C VAL B 118 -29.34 7.92 -3.96
N ASP B 119 -29.80 6.80 -3.41
CA ASP B 119 -29.91 6.67 -1.98
C ASP B 119 -28.66 5.94 -1.46
N THR B 120 -27.90 6.58 -0.59
CA THR B 120 -26.61 6.03 -0.16
C THR B 120 -26.78 4.85 0.77
N ARG B 121 -27.97 4.74 1.33
CA ARG B 121 -28.24 3.73 2.34
C ARG B 121 -28.51 2.36 1.72
N PRO B 122 -28.39 1.29 2.52
CA PRO B 122 -28.92 -0.01 2.11
C PRO B 122 -30.46 0.06 2.20
N LYS B 123 -31.19 -0.71 1.38
CA LYS B 123 -32.65 -0.56 1.31
C LYS B 123 -33.31 -0.88 2.64
N LEU B 124 -32.75 -1.79 3.41
CA LEU B 124 -33.34 -2.10 4.70
C LEU B 124 -33.35 -0.89 5.63
N ASN B 125 -32.30 -0.08 5.61
CA ASN B 125 -32.29 1.14 6.40
C ASN B 125 -33.36 2.09 5.91
N ALA B 126 -33.41 2.30 4.59
CA ALA B 126 -34.38 3.19 3.97
C ALA B 126 -35.83 2.77 4.24
N MET B 127 -36.05 1.46 4.34
CA MET B 127 -37.37 0.95 4.71
C MET B 127 -37.69 1.21 6.17
N ALA B 128 -36.72 1.08 7.05
CA ALA B 128 -36.99 1.41 8.44
C ALA B 128 -37.40 2.88 8.54
N ASN B 129 -36.85 3.72 7.67
CA ASN B 129 -37.13 5.15 7.71
C ASN B 129 -38.53 5.46 7.16
N ARG B 130 -38.93 4.71 6.15
CA ARG B 130 -40.27 4.72 5.58
C ARG B 130 -41.32 4.45 6.65
N ALA B 131 -41.08 3.42 7.45
CA ALA B 131 -41.96 3.05 8.56
C ALA B 131 -41.95 4.05 9.71
N ALA B 132 -41.06 5.05 9.62
CA ALA B 132 -41.00 6.13 10.60
C ALA B 132 -41.47 7.45 9.98
N GLY B 133 -42.11 7.35 8.82
CA GLY B 133 -42.73 8.48 8.16
C GLY B 133 -41.85 9.24 7.20
N LYS B 134 -40.81 8.58 6.70
CA LYS B 134 -39.85 9.23 5.83
C LYS B 134 -39.52 8.33 4.65
N GLY B 135 -38.24 7.95 4.51
CA GLY B 135 -37.87 6.93 3.55
C GLY B 135 -37.33 7.43 2.23
N TYR B 136 -38.02 7.11 1.14
CA TYR B 136 -37.43 7.25 -0.20
C TYR B 136 -38.43 7.39 -1.35
N GLU B 137 -37.97 7.91 -2.48
CA GLU B 137 -38.82 8.20 -3.63
C GLU B 137 -39.29 6.94 -4.33
N ASN B 138 -40.52 7.00 -4.83
CA ASN B 138 -41.12 5.96 -5.64
C ASN B 138 -41.05 6.36 -7.11
N GLU B 139 -40.46 5.52 -7.95
CA GLU B 139 -40.27 5.85 -9.37
C GLU B 139 -41.60 6.17 -10.04
N ASP B 140 -42.67 5.58 -9.51
CA ASP B 140 -44.04 5.81 -10.01
C ASP B 140 -44.58 7.22 -9.75
N ASN B 141 -44.04 7.92 -8.76
CA ASN B 141 -44.48 9.27 -8.43
C ASN B 141 -43.57 10.38 -8.95
N TYR B 142 -42.55 10.04 -9.73
CA TYR B 142 -41.56 11.05 -10.13
C TYR B 142 -41.13 10.93 -11.59
N ALA B 143 -40.85 12.09 -12.19
CA ALA B 143 -40.55 12.18 -13.61
C ALA B 143 -39.28 11.47 -13.98
N ASN B 144 -39.42 10.37 -14.70
CA ASN B 144 -38.27 9.68 -15.30
C ASN B 144 -37.06 9.59 -14.38
N ILE B 145 -37.26 8.93 -13.24
CA ILE B 145 -36.16 8.64 -12.34
C ILE B 145 -35.84 7.15 -12.35
N ARG B 146 -34.56 6.86 -12.21
CA ARG B 146 -34.06 5.52 -11.94
C ARG B 146 -33.43 5.55 -10.56
N PHE B 147 -34.08 4.87 -9.63
CA PHE B 147 -33.70 4.89 -8.21
C PHE B 147 -32.68 3.78 -7.88
N ARG B 148 -31.65 4.15 -7.11
CA ARG B 148 -30.50 3.26 -6.85
C ARG B 148 -30.01 3.30 -5.39
N PHE B 149 -29.97 2.16 -4.72
CA PHE B 149 -29.35 2.07 -3.38
C PHE B 149 -27.86 1.75 -3.46
N MET B 150 -27.07 2.41 -2.60
CA MET B 150 -25.61 2.30 -2.59
C MET B 150 -25.14 1.35 -1.50
N GLY B 151 -25.97 1.15 -0.49
CA GLY B 151 -25.71 0.13 0.50
C GLY B 151 -24.70 0.50 1.54
N ILE B 152 -24.35 1.78 1.61
CA ILE B 152 -23.42 2.29 2.60
C ILE B 152 -24.06 2.34 3.97
N GLU B 153 -23.46 1.72 4.97
CA GLU B 153 -24.09 1.61 6.28
C GLU B 153 -24.01 2.90 7.12
N ASN B 154 -24.69 2.91 8.26
CA ASN B 154 -24.90 4.15 9.02
C ASN B 154 -23.68 4.53 9.87
N ILE B 155 -23.81 5.60 10.66
CA ILE B 155 -22.66 6.13 11.38
C ILE B 155 -22.27 5.28 12.58
N HIS B 156 -23.24 4.59 13.17
CA HIS B 156 -22.96 3.74 14.31
C HIS B 156 -22.20 2.47 13.87
N VAL B 157 -22.37 2.10 12.62
CA VAL B 157 -21.66 0.97 12.08
C VAL B 157 -20.24 1.43 11.84
N MET B 158 -20.08 2.54 11.12
CA MET B 158 -18.75 3.07 10.81
C MET B 158 -17.93 3.26 12.08
N ARG B 159 -18.59 3.69 13.16
CA ARG B 159 -17.92 3.90 14.43
C ARG B 159 -17.45 2.59 15.00
N SER B 160 -18.33 1.59 14.97
CA SER B 160 -18.01 0.28 15.50
C SER B 160 -16.85 -0.38 14.74
N SER B 161 -16.80 -0.08 13.45
CA SER B 161 -15.81 -0.62 12.54
C SER B 161 -14.42 -0.11 12.86
N LEU B 162 -14.24 1.20 12.86
CA LEU B 162 -12.92 1.73 13.17
C LEU B 162 -12.48 1.27 14.56
N GLN B 163 -13.44 1.17 15.47
CA GLN B 163 -13.16 0.76 16.83
C GLN B 163 -12.61 -0.67 16.88
N LYS B 164 -13.17 -1.55 16.05
CA LYS B 164 -12.72 -2.94 15.94
C LYS B 164 -11.33 -2.99 15.36
N LEU B 165 -11.10 -2.13 14.37
CA LEU B 165 -9.85 -2.13 13.62
C LEU B 165 -8.67 -1.74 14.48
N LEU B 166 -8.85 -0.71 15.30
CA LEU B 166 -7.76 -0.25 16.13
C LEU B 166 -7.45 -1.28 17.21
N GLU B 167 -8.49 -1.91 17.75
CA GLU B 167 -8.32 -2.99 18.71
C GLU B 167 -7.42 -4.08 18.14
N VAL B 168 -7.59 -4.38 16.85
CA VAL B 168 -6.76 -5.37 16.17
C VAL B 168 -5.32 -4.88 16.09
N CYS B 169 -5.11 -3.68 15.57
CA CYS B 169 -3.77 -3.14 15.35
C CYS B 169 -2.92 -3.00 16.62
N GLU B 170 -3.58 -2.77 17.76
CA GLU B 170 -2.84 -2.63 19.01
C GLU B 170 -2.75 -3.95 19.77
N LEU B 171 -3.15 -5.05 19.12
CA LEU B 171 -2.99 -6.39 19.70
C LEU B 171 -1.51 -6.63 19.92
N LYS B 172 -1.19 -7.41 20.95
CA LYS B 172 0.20 -7.65 21.31
C LYS B 172 0.78 -8.76 20.42
N THR B 173 1.62 -8.34 19.47
CA THR B 173 2.31 -9.25 18.55
C THR B 173 1.37 -10.25 17.87
N PRO B 174 0.48 -9.78 16.98
CA PRO B 174 -0.45 -10.74 16.38
C PRO B 174 0.19 -11.51 15.23
N THR B 175 -0.19 -12.77 15.08
CA THR B 175 0.15 -13.46 13.86
C THR B 175 -0.48 -12.69 12.70
N MET B 176 0.11 -12.83 11.51
CA MET B 176 -0.47 -12.26 10.31
C MET B 176 -1.94 -12.71 10.17
N SER B 177 -2.23 -13.93 10.59
CA SER B 177 -3.59 -14.43 10.48
C SER B 177 -4.55 -13.71 11.41
N GLU B 178 -4.13 -13.44 12.64
CA GLU B 178 -5.01 -12.77 13.57
C GLU B 178 -5.38 -11.40 13.02
N PHE B 179 -4.39 -10.68 12.50
CA PHE B 179 -4.62 -9.36 11.93
C PHE B 179 -5.56 -9.44 10.73
N LEU B 180 -5.26 -10.36 9.81
CA LEU B 180 -6.05 -10.44 8.60
C LEU B 180 -7.50 -10.82 8.91
N SER B 181 -7.69 -11.68 9.90
CA SER B 181 -9.04 -12.09 10.27
C SER B 181 -9.77 -10.96 10.99
N GLY B 182 -9.03 -10.12 11.68
CA GLY B 182 -9.58 -9.00 12.41
C GLY B 182 -9.88 -7.84 11.46
N LEU B 183 -9.03 -7.68 10.46
CA LEU B 183 -9.26 -6.68 9.44
C LEU B 183 -10.51 -7.04 8.62
N GLU B 184 -10.77 -8.32 8.43
CA GLU B 184 -11.97 -8.75 7.73
C GLU B 184 -13.18 -8.48 8.62
N SER B 185 -13.04 -8.81 9.90
CA SER B 185 -14.16 -8.72 10.84
C SER B 185 -14.60 -7.28 11.06
N SER B 186 -13.63 -6.37 11.12
CA SER B 186 -13.95 -4.97 11.37
C SER B 186 -14.82 -4.42 10.26
N GLY B 187 -14.60 -4.92 9.03
CA GLY B 187 -15.39 -4.52 7.89
C GLY B 187 -14.98 -3.19 7.26
N TRP B 188 -14.00 -2.54 7.86
CA TRP B 188 -13.59 -1.19 7.49
C TRP B 188 -13.29 -1.04 5.99
N LEU B 189 -12.58 -2.00 5.40
CA LEU B 189 -12.26 -1.86 3.99
C LEU B 189 -13.49 -2.13 3.15
N ARG B 190 -14.48 -2.83 3.72
CA ARG B 190 -15.72 -3.04 3.00
C ARG B 190 -16.48 -1.72 2.87
N HIS B 191 -16.39 -0.93 3.93
CA HIS B 191 -17.04 0.36 3.98
C HIS B 191 -16.37 1.35 3.07
N ILE B 192 -15.04 1.38 3.04
CA ILE B 192 -14.41 2.40 2.21
C ILE B 192 -14.58 2.02 0.75
N LYS B 193 -14.66 0.73 0.46
CA LYS B 193 -14.95 0.29 -0.89
C LYS B 193 -16.36 0.70 -1.34
N ALA B 194 -17.37 0.52 -0.47
CA ALA B 194 -18.74 0.85 -0.82
C ALA B 194 -18.84 2.33 -1.17
N ILE B 195 -18.28 3.16 -0.31
CA ILE B 195 -18.22 4.59 -0.55
C ILE B 195 -17.61 4.87 -1.92
N MET B 196 -16.45 4.27 -2.22
CA MET B 196 -15.80 4.47 -3.50
C MET B 196 -16.69 4.03 -4.65
N ASP B 197 -17.35 2.90 -4.46
CA ASP B 197 -18.21 2.33 -5.48
C ASP B 197 -19.42 3.22 -5.78
N ALA B 198 -19.96 3.83 -4.72
CA ALA B 198 -20.99 4.85 -4.84
C ALA B 198 -20.47 6.04 -5.64
N GLY B 199 -19.26 6.51 -5.31
CA GLY B 199 -18.63 7.60 -6.03
C GLY B 199 -18.48 7.28 -7.50
N ILE B 200 -17.98 6.08 -7.77
CA ILE B 200 -17.77 5.60 -9.14
C ILE B 200 -19.10 5.43 -9.89
N PHE B 201 -20.16 5.03 -9.21
CA PHE B 201 -21.48 4.95 -9.84
C PHE B 201 -21.95 6.30 -10.37
N ILE B 202 -22.00 7.29 -9.47
CA ILE B 202 -22.37 8.66 -9.81
C ILE B 202 -21.52 9.22 -10.93
N THR B 203 -20.21 9.10 -10.74
CA THR B 203 -19.23 9.58 -11.70
C THR B 203 -19.50 9.07 -13.11
N LYS B 204 -19.87 7.79 -13.22
CA LYS B 204 -20.14 7.17 -14.51
C LYS B 204 -21.49 7.58 -15.05
N ALA B 205 -22.39 7.95 -14.15
CA ALA B 205 -23.68 8.49 -14.57
C ALA B 205 -23.46 9.78 -15.34
N VAL B 206 -22.75 10.72 -14.70
CA VAL B 206 -22.52 12.04 -15.26
C VAL B 206 -21.66 11.98 -16.52
N LYS B 207 -20.61 11.16 -16.54
CA LYS B 207 -19.66 11.16 -17.64
C LYS B 207 -20.10 10.29 -18.83
N VAL B 208 -20.54 9.08 -18.54
CA VAL B 208 -20.83 8.13 -19.59
C VAL B 208 -22.24 8.29 -20.11
N GLU B 209 -23.22 8.38 -19.21
CA GLU B 209 -24.62 8.51 -19.60
C GLU B 209 -25.08 9.96 -19.74
N LYS B 210 -24.23 10.89 -19.30
CA LYS B 210 -24.57 12.31 -19.30
C LYS B 210 -25.89 12.54 -18.55
N ALA B 211 -26.13 11.69 -17.55
CA ALA B 211 -27.34 11.72 -16.72
C ALA B 211 -27.10 12.47 -15.43
N SER B 212 -28.02 13.37 -15.08
CA SER B 212 -27.89 14.10 -13.82
C SER B 212 -28.28 13.19 -12.65
N VAL B 213 -27.86 13.55 -11.45
CA VAL B 213 -28.02 12.64 -10.32
C VAL B 213 -28.49 13.42 -9.09
N LEU B 214 -29.52 12.92 -8.42
CA LEU B 214 -29.84 13.42 -7.09
C LEU B 214 -29.34 12.43 -6.04
N VAL B 215 -28.57 12.92 -5.08
CA VAL B 215 -27.95 12.08 -4.08
C VAL B 215 -28.50 12.43 -2.71
N HIS B 216 -28.98 11.45 -1.96
CA HIS B 216 -29.37 11.74 -0.59
C HIS B 216 -29.18 10.52 0.31
N SER B 217 -29.14 10.77 1.60
CA SER B 217 -29.00 9.72 2.57
C SER B 217 -30.26 9.72 3.39
N SER B 218 -30.10 9.73 4.71
CA SER B 218 -31.21 10.06 5.60
C SER B 218 -31.22 11.58 5.80
N ASP B 219 -30.19 12.08 6.49
CA ASP B 219 -30.06 13.51 6.80
C ASP B 219 -29.28 14.34 5.77
N GLY B 220 -28.73 13.70 4.74
CA GLY B 220 -27.97 14.40 3.72
C GLY B 220 -26.72 15.18 4.16
N TRP B 221 -26.00 14.71 5.16
CA TRP B 221 -24.82 15.42 5.64
C TRP B 221 -23.65 14.54 6.14
N ASP B 222 -23.74 13.23 5.91
CA ASP B 222 -22.62 12.32 6.16
C ASP B 222 -22.29 11.54 4.90
N ARG B 223 -23.05 10.48 4.64
CA ARG B 223 -22.85 9.70 3.43
C ARG B 223 -23.04 10.53 2.16
N THR B 224 -23.95 11.50 2.20
CA THR B 224 -24.19 12.36 1.03
C THR B 224 -22.93 13.20 0.72
N ALA B 225 -22.26 13.66 1.76
CA ALA B 225 -21.03 14.42 1.62
C ALA B 225 -19.85 13.57 1.09
N GLN B 226 -19.68 12.36 1.65
CA GLN B 226 -18.61 11.45 1.22
C GLN B 226 -18.71 11.21 -0.26
N VAL B 227 -19.83 10.61 -0.61
CA VAL B 227 -20.14 10.17 -1.96
C VAL B 227 -20.07 11.29 -3.01
N CYS B 228 -20.69 12.43 -2.72
CA CYS B 228 -20.66 13.59 -3.62
C CYS B 228 -19.25 14.12 -3.82
N SER B 229 -18.49 14.15 -2.73
CA SER B 229 -17.11 14.60 -2.80
C SER B 229 -16.25 13.64 -3.64
N VAL B 230 -16.44 12.34 -3.45
CA VAL B 230 -15.58 11.38 -4.12
C VAL B 230 -15.83 11.43 -5.61
N ALA B 231 -17.10 11.52 -5.97
CA ALA B 231 -17.47 11.64 -7.37
C ALA B 231 -16.88 12.91 -7.96
N SER B 232 -16.74 13.94 -7.13
CA SER B 232 -16.25 15.23 -7.62
C SER B 232 -14.78 15.13 -7.96
N ILE B 233 -14.02 14.55 -7.05
CA ILE B 233 -12.61 14.31 -7.27
C ILE B 233 -12.37 13.44 -8.50
N LEU B 234 -13.25 12.47 -8.72
CA LEU B 234 -13.13 11.56 -9.83
C LEU B 234 -13.37 12.25 -11.16
N LEU B 235 -14.31 13.19 -11.19
CA LEU B 235 -14.69 13.90 -12.41
C LEU B 235 -13.74 15.06 -12.76
N ASP B 236 -13.32 15.79 -11.75
CA ASP B 236 -12.68 17.07 -11.98
C ASP B 236 -11.32 17.19 -11.30
N PRO B 237 -10.26 17.41 -12.10
CA PRO B 237 -8.86 17.64 -11.72
C PRO B 237 -8.67 18.79 -10.75
N PHE B 238 -9.58 19.77 -10.81
CA PHE B 238 -9.46 20.93 -9.96
C PHE B 238 -9.40 20.53 -8.50
N TYR B 239 -10.17 19.51 -8.13
CA TYR B 239 -10.27 19.12 -6.73
C TYR B 239 -9.06 18.28 -6.29
N ARG B 240 -8.20 17.94 -7.24
CA ARG B 240 -6.96 17.22 -6.97
C ARG B 240 -5.75 18.16 -6.82
N THR B 241 -6.01 19.47 -6.81
CA THR B 241 -4.96 20.45 -6.58
C THR B 241 -5.05 20.93 -5.14
N PHE B 242 -4.08 21.73 -4.70
CA PHE B 242 -4.11 22.24 -3.33
C PHE B 242 -5.37 23.03 -3.02
N LYS B 243 -5.64 24.06 -3.82
CA LYS B 243 -6.80 24.92 -3.59
C LYS B 243 -8.11 24.17 -3.76
N GLY B 244 -8.23 23.45 -4.88
CA GLY B 244 -9.37 22.59 -5.13
C GLY B 244 -9.87 21.86 -3.89
N LEU B 245 -9.04 21.02 -3.29
CA LEU B 245 -9.46 20.25 -2.12
C LEU B 245 -9.83 21.12 -0.91
N MET B 246 -9.20 22.28 -0.75
CA MET B 246 -9.58 23.15 0.36
C MET B 246 -10.99 23.70 0.11
N ILE B 247 -11.29 23.93 -1.16
CA ILE B 247 -12.59 24.44 -1.55
C ILE B 247 -13.66 23.35 -1.40
N LEU B 248 -13.33 22.13 -1.81
CA LEU B 248 -14.24 21.00 -1.70
C LEU B 248 -14.62 20.82 -0.24
N ILE B 249 -13.63 20.79 0.66
CA ILE B 249 -13.92 20.65 2.08
C ILE B 249 -14.74 21.81 2.66
N GLU B 250 -14.42 23.06 2.32
CA GLU B 250 -15.25 24.19 2.76
C GLU B 250 -16.68 24.08 2.23
N LYS B 251 -16.81 23.73 0.97
CA LYS B 251 -18.11 23.73 0.30
C LYS B 251 -18.99 22.56 0.72
N GLU B 252 -18.54 21.34 0.43
CA GLU B 252 -19.37 20.16 0.61
C GLU B 252 -19.43 19.66 2.04
N TRP B 253 -18.51 20.09 2.89
CA TRP B 253 -18.44 19.51 4.22
C TRP B 253 -18.79 20.50 5.32
N ILE B 254 -18.10 21.62 5.31
CA ILE B 254 -18.24 22.63 6.35
C ILE B 254 -19.47 23.52 6.16
N SER B 255 -19.66 24.06 4.96
CA SER B 255 -20.72 25.01 4.72
C SER B 255 -22.08 24.29 4.61
N MET B 256 -22.05 23.08 4.06
CA MET B 256 -23.26 22.28 3.93
C MET B 256 -23.66 21.55 5.22
N GLY B 257 -22.95 21.81 6.31
CA GLY B 257 -23.42 21.43 7.62
C GLY B 257 -23.14 20.02 8.12
N HIS B 258 -22.06 19.41 7.66
CA HIS B 258 -21.58 18.18 8.28
C HIS B 258 -21.18 18.45 9.72
N LYS B 259 -21.81 17.74 10.65
CA LYS B 259 -21.72 18.07 12.07
C LYS B 259 -20.37 17.75 12.66
N PHE B 260 -19.33 18.48 12.21
CA PHE B 260 -17.94 18.18 12.59
C PHE B 260 -17.75 18.04 14.08
N SER B 261 -18.28 19.00 14.85
CA SER B 261 -18.14 19.01 16.31
C SER B 261 -18.72 17.75 16.96
N GLN B 262 -19.92 17.35 16.54
CA GLN B 262 -20.55 16.16 17.12
C GLN B 262 -19.81 14.91 16.65
N ARG B 263 -19.55 14.86 15.35
CA ARG B 263 -18.87 13.74 14.70
C ARG B 263 -17.47 13.44 15.22
N CYS B 264 -16.62 14.47 15.25
CA CYS B 264 -15.21 14.33 15.63
C CYS B 264 -15.02 14.37 17.13
N GLY B 265 -16.11 14.42 17.87
CA GLY B 265 -16.06 14.36 19.33
C GLY B 265 -15.49 15.55 20.07
N HIS B 266 -15.62 16.75 19.48
CA HIS B 266 -15.24 18.01 20.15
C HIS B 266 -15.99 18.19 21.46
N LEU B 267 -17.32 18.24 21.34
CA LEU B 267 -18.21 18.32 22.48
C LEU B 267 -18.09 17.06 23.34
N ASP B 268 -18.87 16.05 22.96
CA ASP B 268 -18.93 14.80 23.69
C ASP B 268 -18.31 13.65 22.88
N GLY B 269 -17.19 13.11 23.37
CA GLY B 269 -16.53 11.99 22.72
C GLY B 269 -17.24 10.65 22.98
N ASP B 270 -17.96 10.59 24.09
CA ASP B 270 -18.72 9.39 24.47
C ASP B 270 -20.02 9.25 23.65
N SER B 271 -20.36 10.31 22.92
CA SER B 271 -21.63 10.43 22.20
C SER B 271 -21.86 9.36 21.11
N LYS B 272 -23.09 8.87 21.00
CA LYS B 272 -23.45 7.98 19.89
C LYS B 272 -23.39 8.73 18.56
N GLU B 273 -23.10 10.02 18.62
CA GLU B 273 -23.06 10.88 17.45
C GLU B 273 -21.65 10.94 16.83
N VAL B 274 -20.65 10.48 17.60
CA VAL B 274 -19.26 10.38 17.15
C VAL B 274 -19.14 9.31 16.07
N SER B 275 -18.42 9.63 15.01
CA SER B 275 -18.28 8.71 13.89
C SER B 275 -17.28 9.25 12.90
N PRO B 276 -16.38 8.37 12.42
CA PRO B 276 -15.26 8.68 11.52
C PRO B 276 -15.64 9.00 10.08
N ILE B 277 -16.71 9.76 9.86
CA ILE B 277 -17.17 10.01 8.50
C ILE B 277 -16.14 10.75 7.62
N PHE B 278 -15.62 11.86 8.11
CA PHE B 278 -14.60 12.61 7.35
C PHE B 278 -13.32 11.79 7.21
N THR B 279 -13.03 10.98 8.22
CA THR B 279 -11.84 10.14 8.19
C THR B 279 -11.91 9.20 7.00
N GLN B 280 -13.05 8.52 6.87
CA GLN B 280 -13.33 7.66 5.73
C GLN B 280 -13.19 8.37 4.40
N PHE B 281 -13.57 9.64 4.37
CA PHE B 281 -13.45 10.42 3.15
C PHE B 281 -11.98 10.62 2.75
N LEU B 282 -11.12 10.94 3.71
CA LEU B 282 -9.71 11.19 3.39
C LEU B 282 -9.06 9.92 2.93
N ASP B 283 -9.45 8.83 3.56
CA ASP B 283 -9.05 7.51 3.15
C ASP B 283 -9.35 7.27 1.67
N CYS B 284 -10.53 7.68 1.21
CA CYS B 284 -10.94 7.42 -0.17
C CYS B 284 -10.07 8.20 -1.13
N ILE B 285 -9.66 9.39 -0.70
CA ILE B 285 -8.79 10.19 -1.54
C ILE B 285 -7.43 9.51 -1.66
N TRP B 286 -6.87 9.13 -0.51
CA TRP B 286 -5.62 8.40 -0.46
C TRP B 286 -5.65 7.14 -1.32
N GLN B 287 -6.76 6.39 -1.28
CA GLN B 287 -6.90 5.22 -2.14
C GLN B 287 -6.76 5.59 -3.60
N LEU B 288 -7.18 6.79 -3.97
CA LEU B 288 -7.08 7.26 -5.35
C LEU B 288 -5.67 7.72 -5.67
N MET B 289 -5.04 8.34 -4.67
CA MET B 289 -3.66 8.77 -4.79
C MET B 289 -2.75 7.57 -5.06
N GLU B 290 -3.07 6.44 -4.43
CA GLU B 290 -2.25 5.26 -4.57
C GLU B 290 -2.41 4.62 -5.94
N GLN B 291 -3.63 4.61 -6.47
CA GLN B 291 -3.89 4.12 -7.82
C GLN B 291 -3.45 5.11 -8.92
N PHE B 292 -3.22 6.37 -8.56
CA PHE B 292 -2.85 7.40 -9.52
C PHE B 292 -1.81 8.34 -8.92
N PRO B 293 -0.55 7.87 -8.81
CA PRO B 293 0.49 8.61 -8.10
C PRO B 293 0.96 9.86 -8.82
N CYS B 294 0.30 10.21 -9.93
CA CYS B 294 0.63 11.41 -10.69
C CYS B 294 -0.53 12.41 -10.81
N ALA B 295 -1.70 12.03 -10.31
CA ALA B 295 -2.92 12.79 -10.59
C ALA B 295 -3.18 13.90 -9.59
N PHE B 296 -2.72 13.72 -8.36
CA PHE B 296 -2.99 14.67 -7.30
C PHE B 296 -1.79 15.56 -7.00
N GLU B 297 -2.04 16.85 -6.84
CA GLU B 297 -0.93 17.78 -6.58
C GLU B 297 -0.33 17.56 -5.20
N PHE B 298 -1.16 17.16 -4.25
CA PHE B 298 -0.70 16.99 -2.88
C PHE B 298 -0.35 15.54 -2.58
N ASN B 299 0.28 15.32 -1.44
CA ASN B 299 0.70 13.99 -1.07
C ASN B 299 -0.03 13.52 0.18
N GLU B 300 0.36 12.35 0.66
CA GLU B 300 -0.22 11.75 1.85
C GLU B 300 -0.23 12.68 3.07
N ASN B 301 0.76 13.56 3.17
CA ASN B 301 0.88 14.42 4.35
C ASN B 301 -0.17 15.51 4.43
N PHE B 302 -0.55 16.05 3.28
CA PHE B 302 -1.60 17.04 3.23
C PHE B 302 -2.91 16.54 3.87
N LEU B 303 -3.31 15.32 3.53
CA LEU B 303 -4.53 14.75 4.10
C LEU B 303 -4.38 14.57 5.62
N LEU B 304 -3.25 14.00 6.03
CA LEU B 304 -2.99 13.73 7.45
C LEU B 304 -2.93 14.98 8.34
N GLU B 305 -2.29 16.05 7.87
CA GLU B 305 -2.25 17.30 8.65
C GLU B 305 -3.65 17.90 8.77
N ILE B 306 -4.38 17.92 7.66
CA ILE B 306 -5.76 18.37 7.66
C ILE B 306 -6.54 17.61 8.72
N HIS B 307 -6.37 16.30 8.70
CA HIS B 307 -7.09 15.42 9.61
C HIS B 307 -6.68 15.76 11.04
N ASP B 308 -5.38 16.06 11.23
CA ASP B 308 -4.82 16.38 12.54
C ASP B 308 -5.53 17.52 13.23
N HIS B 309 -5.90 18.51 12.43
CA HIS B 309 -6.46 19.75 12.95
C HIS B 309 -7.95 19.74 13.11
N VAL B 310 -8.62 18.95 12.27
CA VAL B 310 -10.03 18.66 12.44
C VAL B 310 -10.30 18.19 13.87
N PHE B 311 -9.28 17.58 14.47
CA PHE B 311 -9.40 17.06 15.83
C PHE B 311 -8.72 17.91 16.89
N SER B 312 -7.70 18.67 16.50
CA SER B 312 -6.90 19.40 17.49
C SER B 312 -7.62 20.64 18.00
N CYS B 313 -8.59 21.13 17.22
CA CYS B 313 -9.35 22.32 17.60
C CYS B 313 -8.43 23.49 17.84
N GLN B 314 -7.47 23.65 16.94
CA GLN B 314 -6.43 24.66 17.09
C GLN B 314 -6.81 25.85 16.22
N PHE B 315 -7.54 25.59 15.16
CA PHE B 315 -8.06 26.65 14.31
C PHE B 315 -9.58 26.71 14.46
N GLY B 316 -10.25 27.39 13.56
CA GLY B 316 -11.70 27.57 13.70
C GLY B 316 -12.59 26.77 12.77
N ASN B 317 -12.04 26.34 11.64
CA ASN B 317 -12.85 25.84 10.51
C ASN B 317 -13.80 24.66 10.75
N PHE B 318 -13.47 23.79 11.70
CA PHE B 318 -14.26 22.59 11.91
C PHE B 318 -14.95 22.67 13.26
N LEU B 319 -15.18 23.90 13.73
CA LEU B 319 -15.90 24.11 14.99
C LEU B 319 -17.36 24.35 14.66
N GLY B 320 -18.26 23.78 15.46
CA GLY B 320 -19.67 23.89 15.15
C GLY B 320 -20.16 22.90 14.11
N ASN B 321 -21.48 22.83 13.91
CA ASN B 321 -22.06 21.77 13.10
C ASN B 321 -22.65 22.26 11.79
N CYS B 322 -22.69 23.59 11.63
CA CYS B 322 -23.13 24.23 10.39
C CYS B 322 -22.77 25.71 10.41
N GLN B 323 -23.05 26.40 9.31
CA GLN B 323 -22.72 27.82 9.17
C GLN B 323 -23.31 28.70 10.27
N LYS B 324 -24.60 28.55 10.57
CA LYS B 324 -25.24 29.41 11.55
C LYS B 324 -24.56 29.28 12.92
N ASP B 325 -24.39 28.06 13.42
CA ASP B 325 -23.65 27.83 14.66
C ASP B 325 -22.35 28.61 14.64
N ARG B 326 -21.65 28.55 13.51
CA ARG B 326 -20.33 29.13 13.36
C ARG B 326 -20.38 30.67 13.45
N GLU B 327 -21.34 31.28 12.75
CA GLU B 327 -21.52 32.72 12.78
C GLU B 327 -21.89 33.23 14.18
N ASP B 328 -22.85 32.57 14.82
CA ASP B 328 -23.33 32.96 16.15
C ASP B 328 -22.29 32.78 17.29
N LEU B 329 -21.30 31.91 17.09
CA LEU B 329 -20.25 31.78 18.10
C LEU B 329 -19.15 32.79 17.86
N ARG B 330 -19.19 33.42 16.68
CA ARG B 330 -18.17 34.36 16.25
C ARG B 330 -16.80 33.69 16.34
N VAL B 331 -16.56 32.76 15.42
CA VAL B 331 -15.29 32.04 15.36
C VAL B 331 -14.39 32.72 14.34
N TYR B 332 -14.99 33.19 13.25
CA TYR B 332 -14.35 34.09 12.29
C TYR B 332 -13.49 35.16 13.00
N GLU B 333 -14.00 35.67 14.11
CA GLU B 333 -13.39 36.81 14.80
C GLU B 333 -12.37 36.41 15.87
N LYS B 334 -12.45 35.17 16.36
CA LYS B 334 -11.77 34.81 17.60
C LYS B 334 -10.59 33.82 17.44
N THR B 335 -10.46 33.23 16.26
CA THR B 335 -9.38 32.30 15.92
C THR B 335 -8.97 32.47 14.46
N HIS B 336 -8.00 31.67 14.02
CA HIS B 336 -7.51 31.75 12.65
C HIS B 336 -8.00 30.58 11.79
N SER B 337 -7.93 30.73 10.46
CA SER B 337 -8.26 29.62 9.55
C SER B 337 -7.07 28.63 9.36
N VAL B 338 -7.37 27.35 9.15
CA VAL B 338 -6.33 26.37 8.85
C VAL B 338 -5.74 26.62 7.48
N TRP B 339 -6.59 26.91 6.51
CA TRP B 339 -6.14 26.95 5.13
C TRP B 339 -4.90 27.80 4.87
N PRO B 340 -4.83 29.03 5.40
CA PRO B 340 -3.63 29.85 5.16
C PRO B 340 -2.39 29.19 5.74
N PHE B 341 -2.53 28.70 6.97
CA PHE B 341 -1.50 27.99 7.70
C PHE B 341 -0.92 26.77 6.95
N LEU B 342 -1.66 26.25 5.99
CA LEU B 342 -1.25 25.06 5.25
C LEU B 342 -0.56 25.44 3.95
N VAL B 343 -0.88 26.64 3.43
CA VAL B 343 -0.27 27.15 2.21
C VAL B 343 1.19 27.53 2.47
N GLN B 344 1.49 27.92 3.70
CA GLN B 344 2.84 28.32 4.06
C GLN B 344 3.74 27.09 4.26
N ARG B 345 3.14 25.91 4.18
CA ARG B 345 3.89 24.66 4.36
C ARG B 345 3.83 23.75 3.14
N LYS B 346 3.46 24.30 1.99
CA LYS B 346 3.28 23.51 0.76
C LYS B 346 4.50 22.73 0.24
N PRO B 347 5.73 23.22 0.50
CA PRO B 347 6.93 22.40 0.30
C PRO B 347 6.84 20.96 0.81
N ASP B 348 6.19 20.76 1.95
CA ASP B 348 6.10 19.44 2.59
C ASP B 348 4.89 18.62 2.15
N PHE B 349 4.08 19.22 1.29
CA PHE B 349 2.83 18.58 0.87
C PHE B 349 2.84 18.25 -0.61
N ARG B 350 3.85 18.71 -1.34
CA ARG B 350 3.85 18.56 -2.78
C ARG B 350 4.10 17.11 -3.23
N ASN B 351 3.44 16.70 -4.30
CA ASN B 351 3.65 15.39 -4.90
C ASN B 351 4.58 15.51 -6.08
N PRO B 352 5.85 15.12 -5.90
CA PRO B 352 6.91 15.25 -6.91
C PRO B 352 6.57 14.61 -8.25
N LEU B 353 5.62 13.67 -8.26
CA LEU B 353 5.29 12.91 -9.46
C LEU B 353 4.08 13.49 -10.16
N TYR B 354 3.61 14.64 -9.68
CA TYR B 354 2.47 15.34 -10.26
C TYR B 354 2.72 15.73 -11.71
N LYS B 355 1.86 15.26 -12.61
CA LYS B 355 2.00 15.59 -14.03
C LYS B 355 1.10 16.74 -14.48
N GLY B 356 0.66 17.58 -13.54
CA GLY B 356 -0.07 18.79 -13.86
C GLY B 356 -1.59 18.69 -13.93
N PHE B 357 -2.19 19.80 -14.34
CA PHE B 357 -3.64 19.96 -14.33
C PHE B 357 -4.33 19.29 -15.54
N THR B 358 -3.77 19.46 -16.73
CA THR B 358 -4.45 18.99 -17.94
C THR B 358 -4.18 17.53 -18.27
N MET B 359 -3.30 16.89 -17.52
CA MET B 359 -2.87 15.52 -17.85
C MET B 359 -3.97 14.48 -17.64
N TYR B 360 -4.84 14.70 -16.65
CA TYR B 360 -5.94 13.77 -16.40
C TYR B 360 -7.32 14.42 -16.51
N GLY B 361 -8.32 13.60 -16.81
CA GLY B 361 -9.69 14.05 -16.85
C GLY B 361 -10.47 13.32 -15.78
N VAL B 362 -11.38 12.47 -16.20
CA VAL B 362 -12.16 11.66 -15.28
C VAL B 362 -11.39 10.39 -14.92
N LEU B 363 -11.07 10.24 -13.64
CA LEU B 363 -10.29 9.11 -13.14
C LEU B 363 -11.15 7.88 -13.14
N ASN B 364 -10.53 6.76 -13.50
CA ASN B 364 -11.26 5.50 -13.58
C ASN B 364 -10.63 4.43 -12.71
N PRO B 365 -10.79 4.54 -11.38
CA PRO B 365 -10.20 3.60 -10.43
C PRO B 365 -10.89 2.25 -10.42
N SER B 366 -10.15 1.26 -9.94
CA SER B 366 -10.66 -0.09 -9.77
C SER B 366 -10.98 -0.31 -8.30
N THR B 367 -12.06 -1.02 -8.02
CA THR B 367 -12.36 -1.29 -6.64
C THR B 367 -12.34 -2.78 -6.44
N VAL B 368 -11.55 -3.50 -7.23
CA VAL B 368 -11.30 -4.91 -6.90
C VAL B 368 -10.64 -4.91 -5.53
N PRO B 369 -11.18 -5.71 -4.61
CA PRO B 369 -10.77 -5.59 -3.20
C PRO B 369 -9.24 -5.54 -2.94
N TYR B 370 -8.39 -5.95 -3.88
CA TYR B 370 -6.95 -6.02 -3.57
C TYR B 370 -6.24 -4.67 -3.66
N ASN B 371 -6.84 -3.68 -4.29
CA ASN B 371 -6.18 -2.38 -4.31
C ASN B 371 -6.88 -1.36 -3.39
N ILE B 372 -7.84 -1.84 -2.61
CA ILE B 372 -8.34 -1.05 -1.49
C ILE B 372 -7.60 -1.51 -0.26
N GLN B 373 -6.68 -0.67 0.23
CA GLN B 373 -5.72 -1.10 1.25
C GLN B 373 -5.82 -0.37 2.58
N PHE B 374 -5.16 -0.97 3.57
CA PHE B 374 -5.00 -0.39 4.89
C PHE B 374 -4.01 0.78 4.85
N TRP B 375 -4.42 1.90 5.41
CA TRP B 375 -3.65 3.14 5.37
C TRP B 375 -2.82 3.34 6.64
N CYS B 376 -1.57 2.93 6.58
CA CYS B 376 -0.70 3.00 7.74
C CYS B 376 -0.54 4.41 8.24
N GLY B 377 -0.36 5.35 7.32
CA GLY B 377 -0.13 6.75 7.66
C GLY B 377 -1.15 7.27 8.64
N MET B 378 -2.39 6.86 8.40
CA MET B 378 -3.58 7.34 9.09
C MET B 378 -3.81 6.67 10.43
N TYR B 379 -3.80 5.34 10.44
CA TYR B 379 -4.10 4.61 11.67
C TYR B 379 -2.77 4.34 12.34
N ASN B 380 -1.95 5.40 12.31
CA ASN B 380 -0.70 5.56 13.05
C ASN B 380 -0.79 6.91 13.77
N ARG B 381 -1.85 7.65 13.45
CA ARG B 381 -2.14 8.91 14.11
C ARG B 381 -3.05 8.70 15.32
N PHE B 382 -3.87 7.65 15.26
CA PHE B 382 -4.78 7.32 16.36
C PHE B 382 -3.98 6.73 17.53
P PO4 C . 12.92 -28.55 3.01
O1 PO4 C . 12.23 -27.41 3.73
O2 PO4 C . 14.12 -28.90 3.85
O3 PO4 C . 13.39 -28.13 1.63
O4 PO4 C . 11.97 -29.73 2.95
P PO4 D . 16.64 -23.78 0.06
O1 PO4 D . 15.59 -22.77 0.47
O2 PO4 D . 16.31 -24.44 -1.27
O3 PO4 D . 16.60 -24.84 1.11
O4 PO4 D . 17.97 -23.09 -0.05
P PO4 E . -26.44 10.52 6.70
O1 PO4 E . -27.76 9.80 6.52
O2 PO4 E . -26.27 11.64 5.70
O3 PO4 E . -26.41 11.05 8.12
O4 PO4 E . -25.31 9.52 6.55
P PO4 F . -29.85 5.43 8.99
O1 PO4 F . -31.33 5.67 9.07
O2 PO4 F . -29.12 6.73 9.24
O3 PO4 F . -29.51 4.86 7.64
O4 PO4 F . -29.48 4.46 10.07
#